data_7JM2
#
_entry.id   7JM2
#
_cell.length_a   61.730
_cell.length_b   107.536
_cell.length_c   138.696
_cell.angle_alpha   90.000
_cell.angle_beta   90.000
_cell.angle_gamma   90.000
#
_symmetry.space_group_name_H-M   'P 21 21 21'
#
loop_
_entity.id
_entity.type
_entity.pdbx_description
1 polymer 'Aminocyclitol acetyltransferase ApmA'
2 non-polymer APRAMYCIN
3 non-polymer 'CHLORIDE ION'
4 water water
#
_entity_poly.entity_id   1
_entity_poly.type   'polypeptide(L)'
_entity_poly.pdbx_seq_one_letter_code
;MKTRLEQVLERYLNGREVAVWGVPTRRLLRALKPFKFHTADRVDPQYHYVVAVTDDDLTDFLSDEQSKSFQYANDYLTFD
DEGGELPFERMCFNVPVGRQTYFGDGVVGACENGYIKSIGQFTSINGTAEIHANHQLNMTFVSDDIQNFFNEESMAVFQE
KLRKDPKHPYAYSKEPMTIGSDVYIGAHAFINASTVTSIGDGAIIGSGAVVLENVPPFAVVVGVPARIKRYRFSKEMIET
LLRVKWWDWSIEEINENVDALISPELFMKKYGSL
;
_entity_poly.pdbx_strand_id   A,B,C
#
loop_
_chem_comp.id
_chem_comp.type
_chem_comp.name
_chem_comp.formula
AM2 non-polymer APRAMYCIN 'C21 H41 N5 O11'
CL non-polymer 'CHLORIDE ION' 'Cl -1'
#
# COMPACT_ATOMS: atom_id res chain seq x y z
N MET A 1 -0.65 -24.00 7.02
CA MET A 1 0.22 -24.68 6.07
C MET A 1 1.68 -24.47 6.44
N LYS A 2 2.58 -24.99 5.62
CA LYS A 2 4.00 -24.76 5.80
C LYS A 2 4.37 -23.39 5.26
N THR A 3 4.86 -22.51 6.13
CA THR A 3 5.29 -21.20 5.67
C THR A 3 6.53 -21.33 4.78
N ARG A 4 6.86 -20.23 4.10
CA ARG A 4 8.10 -20.17 3.34
C ARG A 4 9.29 -20.45 4.24
N LEU A 5 9.34 -19.80 5.40
CA LEU A 5 10.45 -20.01 6.34
C LEU A 5 10.61 -21.49 6.66
N GLU A 6 9.50 -22.15 7.04
CA GLU A 6 9.57 -23.57 7.40
C GLU A 6 10.11 -24.41 6.25
N GLN A 7 9.69 -24.11 5.02
CA GLN A 7 10.22 -24.84 3.86
C GLN A 7 11.71 -24.61 3.72
N VAL A 8 12.18 -23.39 3.99
CA VAL A 8 13.61 -23.14 3.85
C VAL A 8 14.40 -23.83 4.96
N LEU A 9 13.88 -23.78 6.18
CA LEU A 9 14.59 -24.40 7.31
C LEU A 9 14.65 -25.91 7.16
N GLU A 10 13.58 -26.52 6.64
CA GLU A 10 13.60 -27.98 6.42
C GLU A 10 14.69 -28.36 5.43
N ARG A 11 15.06 -27.45 4.53
CA ARG A 11 16.01 -27.72 3.48
C ARG A 11 17.43 -27.32 3.85
N TYR A 12 17.61 -26.21 4.58
CA TYR A 12 18.93 -25.65 4.77
C TYR A 12 19.37 -25.49 6.23
N LEU A 13 18.52 -25.75 7.22
CA LEU A 13 18.95 -25.51 8.60
C LEU A 13 20.16 -26.37 8.95
N ASN A 14 20.10 -27.67 8.62
CA ASN A 14 21.26 -28.56 8.73
C ASN A 14 21.73 -28.71 10.18
N GLY A 15 20.76 -28.82 11.09
CA GLY A 15 21.05 -29.05 12.50
C GLY A 15 21.50 -27.84 13.29
N ARG A 16 21.58 -26.67 12.67
CA ARG A 16 22.00 -25.46 13.36
C ARG A 16 20.87 -24.92 14.23
N GLU A 17 21.19 -23.89 15.01
CA GLU A 17 20.24 -23.19 15.86
C GLU A 17 19.85 -21.88 15.21
N VAL A 18 18.56 -21.54 15.31
CA VAL A 18 18.06 -20.32 14.66
C VAL A 18 18.38 -19.13 15.54
N ALA A 19 19.06 -18.14 14.96
CA ALA A 19 19.37 -16.89 15.63
C ALA A 19 18.36 -15.86 15.14
N VAL A 20 17.44 -15.46 16.03
CA VAL A 20 16.37 -14.55 15.65
C VAL A 20 16.88 -13.12 15.73
N TRP A 21 16.80 -12.40 14.61
CA TRP A 21 17.31 -11.04 14.48
C TRP A 21 16.11 -10.10 14.40
N GLY A 22 15.68 -9.59 15.54
CA GLY A 22 14.50 -8.76 15.65
C GLY A 22 13.57 -9.24 16.73
N VAL A 23 12.49 -8.50 16.92
CA VAL A 23 11.47 -8.84 17.91
C VAL A 23 10.65 -10.03 17.43
N PRO A 24 10.66 -11.15 18.13
CA PRO A 24 9.90 -12.32 17.66
C PRO A 24 8.41 -12.14 17.88
N THR A 25 7.64 -12.51 16.87
CA THR A 25 6.19 -12.47 16.94
C THR A 25 5.63 -13.84 17.26
N ARG A 26 4.35 -13.89 17.63
CA ARG A 26 3.74 -15.18 17.92
C ARG A 26 3.71 -16.07 16.68
N ARG A 27 3.52 -15.50 15.49
CA ARG A 27 3.53 -16.33 14.29
C ARG A 27 4.90 -16.92 14.03
N LEU A 28 5.96 -16.16 14.31
CA LEU A 28 7.32 -16.68 14.14
C LEU A 28 7.59 -17.81 15.12
N LEU A 29 7.23 -17.60 16.40
CA LEU A 29 7.47 -18.61 17.43
C LEU A 29 6.77 -19.91 17.11
N ARG A 30 5.56 -19.84 16.54
CA ARG A 30 4.87 -21.05 16.14
C ARG A 30 5.61 -21.77 15.02
N ALA A 31 6.24 -21.02 14.10
CA ALA A 31 6.96 -21.65 13.01
C ALA A 31 8.28 -22.27 13.47
N LEU A 32 8.90 -21.70 14.50
CA LEU A 32 10.20 -22.17 14.96
C LEU A 32 10.13 -23.27 16.00
N LYS A 33 8.93 -23.58 16.51
CA LYS A 33 8.84 -24.56 17.58
C LYS A 33 9.45 -25.92 17.24
N PRO A 34 9.46 -26.41 15.99
CA PRO A 34 10.21 -27.64 15.70
C PRO A 34 11.72 -27.48 15.75
N PHE A 35 12.25 -26.29 16.03
CA PHE A 35 13.68 -26.04 15.95
C PHE A 35 14.16 -25.38 17.24
N LYS A 36 15.48 -25.45 17.43
CA LYS A 36 16.13 -24.71 18.50
C LYS A 36 16.39 -23.29 18.01
N PHE A 37 16.13 -22.31 18.88
CA PHE A 37 16.30 -20.93 18.50
C PHE A 37 16.61 -20.08 19.71
N HIS A 38 17.10 -18.87 19.46
CA HIS A 38 17.41 -17.92 20.51
C HIS A 38 17.52 -16.54 19.86
N THR A 39 17.57 -15.52 20.70
CA THR A 39 17.74 -14.16 20.23
C THR A 39 19.17 -13.95 19.77
N ALA A 40 19.33 -13.54 18.50
CA ALA A 40 20.67 -13.38 17.93
C ALA A 40 21.48 -12.38 18.74
N ASP A 41 22.73 -12.76 19.05
CA ASP A 41 23.69 -11.83 19.62
C ASP A 41 24.95 -11.86 18.75
N ARG A 42 25.87 -12.77 19.05
CA ARG A 42 26.95 -13.11 18.14
C ARG A 42 26.51 -14.29 17.28
N VAL A 43 26.69 -14.18 15.97
CA VAL A 43 26.21 -15.19 15.03
C VAL A 43 27.37 -15.70 14.19
N ASP A 44 27.37 -17.01 13.92
CA ASP A 44 28.39 -17.68 13.16
C ASP A 44 27.68 -18.66 12.25
N PRO A 45 27.88 -18.60 10.92
CA PRO A 45 27.13 -19.49 10.02
C PRO A 45 27.41 -20.96 10.27
N GLN A 46 28.55 -21.31 10.89
CA GLN A 46 28.75 -22.71 11.28
C GLN A 46 27.76 -23.13 12.36
N TYR A 47 27.34 -22.20 13.21
CA TYR A 47 26.47 -22.55 14.32
C TYR A 47 25.03 -22.06 14.16
N HIS A 48 24.81 -21.02 13.36
CA HIS A 48 23.54 -20.31 13.40
C HIS A 48 22.97 -20.12 12.01
N TYR A 49 21.64 -20.17 11.95
CA TYR A 49 20.84 -19.71 10.84
C TYR A 49 20.09 -18.46 11.31
N VAL A 50 20.29 -17.35 10.62
CA VAL A 50 19.73 -16.08 11.05
C VAL A 50 18.37 -15.87 10.38
N VAL A 51 17.36 -15.65 11.20
CA VAL A 51 16.04 -15.28 10.70
C VAL A 51 15.81 -13.83 11.12
N ALA A 52 15.83 -12.92 10.15
CA ALA A 52 15.38 -11.55 10.38
C ALA A 52 13.85 -11.56 10.39
N VAL A 53 13.25 -10.93 11.40
CA VAL A 53 11.80 -11.03 11.51
C VAL A 53 11.12 -10.20 10.42
N THR A 54 11.52 -8.94 10.28
CA THR A 54 10.97 -8.04 9.28
C THR A 54 12.06 -7.68 8.26
N ASP A 55 11.64 -7.08 7.15
CA ASP A 55 12.62 -6.59 6.19
C ASP A 55 13.50 -5.52 6.82
N ASP A 56 12.91 -4.67 7.66
CA ASP A 56 13.66 -3.74 8.49
C ASP A 56 14.81 -4.44 9.20
N ASP A 57 14.51 -5.57 9.83
CA ASP A 57 15.55 -6.32 10.55
C ASP A 57 16.62 -6.85 9.59
N LEU A 58 16.21 -7.28 8.39
CA LEU A 58 17.19 -7.76 7.42
C LEU A 58 18.17 -6.66 7.04
N THR A 59 17.65 -5.46 6.76
CA THR A 59 18.53 -4.34 6.43
C THR A 59 19.56 -4.09 7.52
N ASP A 60 19.15 -4.19 8.78
CA ASP A 60 20.10 -4.03 9.87
C ASP A 60 21.12 -5.16 9.88
N PHE A 61 20.64 -6.40 9.73
CA PHE A 61 21.54 -7.55 9.75
C PHE A 61 22.56 -7.46 8.62
N LEU A 62 22.10 -7.19 7.40
CA LEU A 62 23.00 -7.08 6.26
C LEU A 62 23.94 -5.90 6.36
N SER A 63 23.59 -4.90 7.17
CA SER A 63 24.49 -3.78 7.45
C SER A 63 25.55 -4.12 8.48
N ASP A 64 25.42 -5.27 9.14
CA ASP A 64 26.32 -5.64 10.22
C ASP A 64 27.45 -6.50 9.68
N GLU A 65 28.66 -6.27 10.20
CA GLU A 65 29.81 -7.02 9.72
C GLU A 65 29.66 -8.53 9.94
N GLN A 66 28.78 -8.95 10.84
CA GLN A 66 28.59 -10.36 11.08
C GLN A 66 27.91 -11.08 9.92
N SER A 67 27.22 -10.36 9.04
CA SER A 67 26.44 -11.00 7.98
C SER A 67 27.28 -11.42 6.79
N LYS A 68 28.54 -10.98 6.70
CA LYS A 68 29.29 -11.13 5.46
C LYS A 68 29.41 -12.59 5.01
N SER A 69 29.51 -13.53 5.96
CA SER A 69 29.67 -14.94 5.62
C SER A 69 28.35 -15.71 5.60
N PHE A 70 27.23 -15.01 5.53
CA PHE A 70 25.91 -15.62 5.46
C PHE A 70 25.35 -15.48 4.05
N GLN A 71 24.87 -16.58 3.49
CA GLN A 71 24.35 -16.55 2.13
C GLN A 71 22.83 -16.62 2.17
N TYR A 72 22.20 -15.85 1.28
CA TYR A 72 20.75 -15.80 1.18
C TYR A 72 20.15 -17.20 1.09
N ALA A 73 19.13 -17.44 1.92
CA ALA A 73 18.34 -18.66 1.97
C ALA A 73 19.12 -19.82 2.57
N ASN A 74 20.38 -19.99 2.16
CA ASN A 74 21.19 -21.08 2.70
C ASN A 74 21.51 -20.85 4.18
N ASP A 75 21.76 -19.59 4.56
CA ASP A 75 22.12 -19.24 5.92
C ASP A 75 21.24 -18.19 6.56
N TYR A 76 20.43 -17.46 5.78
CA TYR A 76 19.56 -16.47 6.41
C TYR A 76 18.31 -16.26 5.56
N LEU A 77 17.26 -15.77 6.23
CA LEU A 77 15.99 -15.53 5.57
C LEU A 77 15.23 -14.50 6.37
N THR A 78 14.28 -13.85 5.70
CA THR A 78 13.33 -12.95 6.35
C THR A 78 12.04 -13.73 6.64
N PHE A 79 11.53 -13.62 7.86
CA PHE A 79 10.29 -14.34 8.17
C PHE A 79 9.09 -13.70 7.48
N ASP A 80 8.92 -12.39 7.62
CA ASP A 80 7.78 -11.70 7.00
C ASP A 80 8.08 -11.36 5.53
N ASP A 81 8.27 -12.42 4.73
CA ASP A 81 8.58 -12.28 3.32
C ASP A 81 8.01 -13.46 2.53
N GLU A 82 6.77 -13.83 2.82
CA GLU A 82 6.18 -15.04 2.24
C GLU A 82 6.20 -15.02 0.70
N GLY A 83 6.24 -13.85 0.08
CA GLY A 83 6.37 -13.80 -1.36
C GLY A 83 7.77 -13.75 -1.91
N GLY A 84 8.79 -13.83 -1.07
CA GLY A 84 10.14 -13.59 -1.52
C GLY A 84 10.69 -14.72 -2.37
N GLU A 85 11.62 -14.37 -3.24
CA GLU A 85 12.20 -15.33 -4.18
C GLU A 85 13.06 -16.35 -3.46
N LEU A 86 13.14 -17.55 -4.02
CA LEU A 86 13.97 -18.62 -3.50
C LEU A 86 14.63 -19.35 -4.67
N PRO A 87 15.78 -19.97 -4.43
CA PRO A 87 16.44 -20.71 -5.52
C PRO A 87 15.81 -22.06 -5.81
N PHE A 88 14.85 -22.52 -5.01
CA PHE A 88 14.14 -23.76 -5.30
C PHE A 88 12.65 -23.52 -5.42
N GLU A 89 11.97 -24.48 -6.06
CA GLU A 89 10.52 -24.39 -6.18
C GLU A 89 9.87 -24.64 -4.82
N ARG A 90 8.87 -23.82 -4.50
CA ARG A 90 8.28 -23.81 -3.16
C ARG A 90 6.75 -23.78 -3.28
N MET A 91 6.10 -23.88 -2.12
CA MET A 91 4.65 -23.72 -2.03
C MET A 91 4.33 -22.41 -1.32
N CYS A 92 3.29 -21.71 -1.80
CA CYS A 92 2.74 -20.57 -1.09
C CYS A 92 1.30 -20.93 -0.78
N PHE A 93 1.02 -21.19 0.49
CA PHE A 93 -0.17 -21.92 0.90
C PHE A 93 -0.19 -23.20 0.07
N ASN A 94 -1.21 -23.43 -0.76
CA ASN A 94 -1.09 -24.64 -1.57
C ASN A 94 -0.87 -24.33 -3.05
N VAL A 95 -0.16 -23.26 -3.35
CA VAL A 95 0.13 -22.84 -4.71
C VAL A 95 1.60 -23.12 -5.01
N PRO A 96 1.91 -23.93 -6.03
CA PRO A 96 3.32 -24.10 -6.44
C PRO A 96 3.86 -22.81 -7.02
N VAL A 97 5.06 -22.42 -6.58
CA VAL A 97 5.74 -21.23 -7.10
C VAL A 97 7.10 -21.66 -7.63
N GLY A 98 7.44 -21.20 -8.84
CA GLY A 98 8.70 -21.55 -9.46
C GLY A 98 9.88 -20.80 -8.88
N ARG A 99 11.05 -21.16 -9.40
CA ARG A 99 12.32 -20.60 -8.93
C ARG A 99 12.45 -19.12 -9.26
N GLN A 100 13.07 -18.37 -8.35
CA GLN A 100 13.44 -16.97 -8.59
C GLN A 100 12.22 -16.12 -8.94
N THR A 101 11.10 -16.43 -8.29
CA THR A 101 9.83 -15.73 -8.50
C THR A 101 9.46 -15.04 -7.20
N TYR A 102 9.06 -13.76 -7.29
CA TYR A 102 8.70 -12.97 -6.12
C TYR A 102 7.40 -12.22 -6.37
N PHE A 103 6.71 -11.89 -5.26
CA PHE A 103 5.46 -11.17 -5.29
C PHE A 103 5.16 -10.64 -3.88
N GLY A 104 4.15 -9.78 -3.78
CA GLY A 104 3.84 -9.09 -2.55
C GLY A 104 2.64 -9.67 -1.82
N ASP A 105 2.16 -8.91 -0.82
CA ASP A 105 1.18 -9.47 0.12
C ASP A 105 -0.19 -9.67 -0.51
N GLY A 106 -0.54 -8.87 -1.53
CA GLY A 106 -1.80 -9.10 -2.23
C GLY A 106 -1.84 -10.43 -2.94
N VAL A 107 -0.74 -10.81 -3.60
CA VAL A 107 -0.69 -12.10 -4.28
C VAL A 107 -0.56 -13.23 -3.27
N VAL A 108 0.15 -13.00 -2.16
CA VAL A 108 0.14 -13.99 -1.08
C VAL A 108 -1.29 -14.22 -0.60
N GLY A 109 -2.07 -13.15 -0.46
CA GLY A 109 -3.45 -13.30 -0.03
C GLY A 109 -4.28 -14.04 -1.06
N ALA A 110 -4.04 -13.75 -2.34
CA ALA A 110 -4.78 -14.44 -3.38
C ALA A 110 -4.44 -15.92 -3.38
N CYS A 111 -3.18 -16.26 -3.08
CA CYS A 111 -2.79 -17.66 -2.97
C CYS A 111 -3.56 -18.34 -1.85
N GLU A 112 -3.70 -17.65 -0.71
CA GLU A 112 -4.48 -18.17 0.41
C GLU A 112 -5.95 -18.30 0.07
N ASN A 113 -6.49 -17.36 -0.70
CA ASN A 113 -7.90 -17.38 -1.07
C ASN A 113 -8.24 -18.45 -2.09
N GLY A 114 -7.27 -19.17 -2.63
CA GLY A 114 -7.60 -20.14 -3.65
C GLY A 114 -7.79 -19.54 -5.03
N TYR A 115 -7.32 -18.32 -5.26
CA TYR A 115 -7.52 -17.71 -6.57
C TYR A 115 -6.45 -18.10 -7.58
N ILE A 116 -5.38 -18.76 -7.16
CA ILE A 116 -4.20 -18.96 -8.01
C ILE A 116 -3.84 -20.44 -8.03
N LYS A 117 -3.68 -20.99 -9.22
CA LYS A 117 -3.34 -22.39 -9.34
C LYS A 117 -1.84 -22.63 -9.27
N SER A 118 -1.06 -21.72 -9.86
CA SER A 118 0.38 -21.89 -9.89
C SER A 118 0.98 -20.57 -10.34
N ILE A 119 2.21 -20.32 -9.94
CA ILE A 119 2.99 -19.17 -10.39
C ILE A 119 4.30 -19.71 -10.95
N GLY A 120 4.67 -19.24 -12.13
CA GLY A 120 5.75 -19.84 -12.88
C GLY A 120 7.13 -19.48 -12.35
N GLN A 121 8.13 -19.86 -13.13
CA GLN A 121 9.53 -19.63 -12.80
C GLN A 121 9.99 -18.28 -13.34
N PHE A 122 10.90 -17.64 -12.61
CA PHE A 122 11.54 -16.39 -13.07
C PHE A 122 10.49 -15.33 -13.36
N THR A 123 9.49 -15.26 -12.50
CA THR A 123 8.41 -14.30 -12.63
C THR A 123 8.54 -13.21 -11.58
N SER A 124 8.30 -11.96 -12.00
CA SER A 124 8.61 -10.78 -11.21
C SER A 124 7.35 -9.94 -11.03
N ILE A 125 6.84 -9.90 -9.81
CA ILE A 125 5.56 -9.23 -9.53
C ILE A 125 5.77 -8.14 -8.48
N ASN A 126 5.59 -6.89 -8.89
CA ASN A 126 5.74 -5.76 -7.98
C ASN A 126 4.88 -5.94 -6.74
N GLY A 127 5.42 -5.54 -5.59
CA GLY A 127 4.75 -5.78 -4.32
C GLY A 127 3.41 -5.09 -4.15
N THR A 128 3.11 -4.07 -4.96
CA THR A 128 1.83 -3.40 -4.80
C THR A 128 0.73 -3.97 -5.70
N ALA A 129 1.03 -4.99 -6.51
CA ALA A 129 0.01 -5.57 -7.37
C ALA A 129 -1.05 -6.29 -6.52
N GLU A 130 -2.28 -6.30 -7.01
CA GLU A 130 -3.40 -6.86 -6.25
C GLU A 130 -4.20 -7.81 -7.13
N ILE A 131 -4.77 -8.85 -6.49
CA ILE A 131 -5.61 -9.84 -7.16
C ILE A 131 -6.82 -10.12 -6.28
N HIS A 132 -8.02 -9.72 -6.72
CA HIS A 132 -9.26 -9.94 -5.99
CA HIS A 132 -9.21 -10.11 -6.00
C HIS A 132 -10.34 -10.40 -6.96
N ALA A 133 -11.37 -11.07 -6.42
CA ALA A 133 -12.52 -11.52 -7.18
C ALA A 133 -13.64 -10.47 -7.13
N ASN A 134 -14.67 -10.69 -7.94
CA ASN A 134 -15.87 -9.87 -7.88
C ASN A 134 -16.83 -10.43 -6.85
N HIS A 135 -17.58 -9.53 -6.19
CA HIS A 135 -18.75 -9.97 -5.45
C HIS A 135 -19.84 -10.42 -6.43
N GLN A 136 -20.93 -10.98 -5.89
CA GLN A 136 -22.08 -11.27 -6.74
C GLN A 136 -22.63 -9.98 -7.34
N LEU A 137 -22.97 -10.05 -8.62
CA LEU A 137 -23.52 -8.91 -9.33
C LEU A 137 -24.96 -9.13 -9.80
N ASN A 138 -25.55 -10.30 -9.50
CA ASN A 138 -26.89 -10.62 -10.00
C ASN A 138 -27.91 -10.72 -8.88
N MET A 139 -27.60 -10.15 -7.72
CA MET A 139 -28.51 -10.12 -6.58
C MET A 139 -28.90 -8.68 -6.28
N THR A 140 -29.85 -8.53 -5.35
CA THR A 140 -30.27 -7.18 -4.97
C THR A 140 -29.16 -6.43 -4.25
N PHE A 141 -28.29 -7.15 -3.57
CA PHE A 141 -27.19 -6.58 -2.81
C PHE A 141 -25.86 -6.99 -3.41
N VAL A 142 -24.84 -6.16 -3.16
CA VAL A 142 -23.48 -6.49 -3.56
C VAL A 142 -22.60 -6.84 -2.38
N SER A 143 -23.06 -6.57 -1.16
CA SER A 143 -22.34 -6.87 0.06
C SER A 143 -21.99 -8.35 0.16
N ASP A 144 -20.80 -8.63 0.69
CA ASP A 144 -20.47 -9.98 1.13
C ASP A 144 -20.78 -10.17 2.62
N ASP A 145 -20.43 -9.24 3.50
CA ASP A 145 -20.54 -9.53 4.92
C ASP A 145 -21.96 -9.44 5.45
N ILE A 146 -22.93 -9.04 4.62
CA ILE A 146 -24.33 -9.24 4.97
C ILE A 146 -24.56 -10.70 5.33
N GLN A 147 -23.83 -11.62 4.71
CA GLN A 147 -24.06 -13.05 4.95
C GLN A 147 -23.73 -13.47 6.38
N ASN A 148 -22.95 -12.68 7.13
CA ASN A 148 -22.72 -12.96 8.53
C ASN A 148 -24.02 -12.98 9.34
N PHE A 149 -25.05 -12.31 8.86
CA PHE A 149 -26.37 -12.31 9.50
C PHE A 149 -27.28 -13.45 9.03
N PHE A 150 -26.88 -14.19 8.00
CA PHE A 150 -27.72 -15.25 7.45
C PHE A 150 -27.74 -16.46 8.37
N ASN A 151 -28.93 -16.97 8.68
CA ASN A 151 -29.04 -18.25 9.37
C ASN A 151 -28.76 -19.37 8.37
N GLU A 152 -28.94 -20.62 8.79
CA GLU A 152 -28.56 -21.75 7.95
C GLU A 152 -29.38 -21.78 6.66
N GLU A 153 -30.67 -21.52 6.75
CA GLU A 153 -31.56 -21.60 5.59
C GLU A 153 -31.25 -20.49 4.58
N SER A 154 -31.10 -19.26 5.06
CA SER A 154 -30.77 -18.15 4.16
C SER A 154 -29.40 -18.34 3.50
N MET A 155 -28.41 -18.79 4.28
CA MET A 155 -27.08 -18.97 3.71
C MET A 155 -27.08 -20.04 2.63
N ALA A 156 -27.96 -21.04 2.76
CA ALA A 156 -28.01 -22.14 1.81
C ALA A 156 -28.51 -21.67 0.46
N VAL A 157 -29.59 -20.89 0.43
CA VAL A 157 -30.10 -20.40 -0.85
C VAL A 157 -29.15 -19.37 -1.44
N PHE A 158 -28.45 -18.61 -0.60
CA PHE A 158 -27.48 -17.63 -1.08
C PHE A 158 -26.28 -18.33 -1.70
N GLN A 159 -25.72 -19.32 -0.99
CA GLN A 159 -24.61 -20.08 -1.55
C GLN A 159 -25.04 -20.80 -2.83
N GLU A 160 -26.25 -21.36 -2.85
CA GLU A 160 -26.67 -22.11 -4.04
C GLU A 160 -26.71 -21.23 -5.28
N LYS A 161 -27.19 -19.99 -5.13
CA LYS A 161 -27.19 -19.10 -6.28
C LYS A 161 -25.78 -18.73 -6.71
N LEU A 162 -24.84 -18.66 -5.77
CA LEU A 162 -23.47 -18.29 -6.12
C LEU A 162 -22.82 -19.27 -7.10
N ARG A 163 -23.15 -20.57 -7.03
CA ARG A 163 -22.56 -21.54 -7.95
C ARG A 163 -23.12 -21.41 -9.35
N LYS A 164 -24.44 -21.28 -9.44
CA LYS A 164 -25.08 -21.21 -10.73
C LYS A 164 -24.67 -19.97 -11.50
N ASP A 165 -24.02 -19.02 -10.84
CA ASP A 165 -23.62 -17.75 -11.46
C ASP A 165 -22.48 -17.97 -12.45
N PRO A 166 -22.72 -17.87 -13.76
CA PRO A 166 -21.64 -18.04 -14.73
C PRO A 166 -20.57 -16.96 -14.66
N LYS A 167 -20.77 -15.92 -13.86
CA LYS A 167 -19.80 -14.84 -13.77
C LYS A 167 -18.81 -15.01 -12.64
N HIS A 168 -18.86 -16.13 -11.92
CA HIS A 168 -17.88 -16.57 -10.93
C HIS A 168 -17.67 -15.56 -9.80
N PRO A 169 -18.71 -15.18 -9.06
CA PRO A 169 -18.48 -14.33 -7.90
C PRO A 169 -17.58 -15.07 -6.91
N TYR A 170 -16.68 -14.33 -6.26
CA TYR A 170 -15.69 -14.90 -5.32
C TYR A 170 -14.88 -16.04 -5.95
N ALA A 171 -14.78 -16.04 -7.27
CA ALA A 171 -14.06 -17.06 -8.05
C ALA A 171 -14.71 -18.44 -7.95
N TYR A 172 -16.00 -18.50 -7.60
CA TYR A 172 -16.71 -19.76 -7.64
C TYR A 172 -16.76 -20.28 -9.07
N SER A 173 -16.82 -21.60 -9.21
CA SER A 173 -17.19 -22.25 -10.46
C SER A 173 -16.20 -22.00 -11.58
N LYS A 174 -14.97 -21.60 -11.28
CA LYS A 174 -13.95 -21.40 -12.30
C LYS A 174 -12.64 -22.05 -11.87
N GLU A 175 -11.76 -22.26 -12.85
CA GLU A 175 -10.41 -22.71 -12.55
C GLU A 175 -9.62 -21.57 -11.94
N PRO A 176 -8.82 -21.83 -10.91
CA PRO A 176 -7.93 -20.77 -10.40
C PRO A 176 -6.93 -20.40 -11.49
N MET A 177 -6.44 -19.17 -11.42
CA MET A 177 -5.66 -18.63 -12.54
C MET A 177 -4.23 -19.16 -12.50
N THR A 178 -3.68 -19.45 -13.68
CA THR A 178 -2.26 -19.75 -13.82
C THR A 178 -1.52 -18.46 -14.17
N ILE A 179 -0.44 -18.19 -13.44
CA ILE A 179 0.47 -17.10 -13.79
C ILE A 179 1.74 -17.76 -14.32
N GLY A 180 2.12 -17.43 -15.54
CA GLY A 180 3.18 -18.16 -16.20
C GLY A 180 4.57 -17.79 -15.72
N SER A 181 5.57 -18.32 -16.45
CA SER A 181 6.99 -18.03 -16.23
C SER A 181 7.47 -16.83 -17.03
N ASP A 182 8.54 -16.20 -16.54
CA ASP A 182 9.14 -15.02 -17.17
C ASP A 182 8.11 -13.94 -17.39
N VAL A 183 7.26 -13.76 -16.40
CA VAL A 183 6.18 -12.78 -16.37
C VAL A 183 6.65 -11.58 -15.56
N TYR A 184 6.24 -10.38 -15.97
CA TYR A 184 6.53 -9.15 -15.23
C TYR A 184 5.23 -8.42 -14.95
N ILE A 185 5.03 -7.98 -13.70
CA ILE A 185 3.84 -7.22 -13.32
C ILE A 185 4.29 -6.00 -12.52
N GLY A 186 3.92 -4.80 -13.00
CA GLY A 186 4.39 -3.56 -12.41
C GLY A 186 3.50 -3.04 -11.30
N ALA A 187 3.87 -1.87 -10.79
CA ALA A 187 3.25 -1.37 -9.57
C ALA A 187 1.78 -1.04 -9.77
N HIS A 188 0.97 -1.33 -8.75
CA HIS A 188 -0.45 -0.97 -8.70
C HIS A 188 -1.25 -1.66 -9.80
N ALA A 189 -0.71 -2.70 -10.41
CA ALA A 189 -1.50 -3.48 -11.35
C ALA A 189 -2.56 -4.28 -10.60
N PHE A 190 -3.59 -4.66 -11.33
CA PHE A 190 -4.70 -5.41 -10.75
C PHE A 190 -5.13 -6.48 -11.74
N ILE A 191 -5.36 -7.70 -11.23
CA ILE A 191 -5.91 -8.81 -12.00
C ILE A 191 -7.21 -9.26 -11.33
N ASN A 192 -8.28 -9.37 -12.11
CA ASN A 192 -9.58 -9.75 -11.56
C ASN A 192 -9.70 -11.27 -11.51
N ALA A 193 -9.85 -11.81 -10.30
CA ALA A 193 -9.85 -13.26 -10.12
C ALA A 193 -11.18 -13.91 -10.49
N SER A 194 -12.26 -13.14 -10.69
CA SER A 194 -13.47 -13.73 -11.24
C SER A 194 -13.40 -13.95 -12.74
N THR A 195 -12.64 -13.11 -13.46
CA THR A 195 -12.72 -13.10 -14.91
C THR A 195 -11.41 -13.45 -15.62
N VAL A 196 -10.36 -13.83 -14.90
CA VAL A 196 -9.07 -14.17 -15.49
C VAL A 196 -8.69 -15.58 -15.04
N THR A 197 -8.33 -16.43 -15.99
CA THR A 197 -7.83 -17.76 -15.70
C THR A 197 -6.38 -17.97 -16.10
N SER A 198 -5.77 -17.07 -16.88
CA SER A 198 -4.38 -17.30 -17.28
C SER A 198 -3.70 -15.99 -17.60
N ILE A 199 -2.55 -15.79 -16.99
CA ILE A 199 -1.56 -14.81 -17.44
C ILE A 199 -0.48 -15.61 -18.14
N GLY A 200 -0.39 -15.47 -19.47
CA GLY A 200 0.48 -16.35 -20.23
C GLY A 200 1.94 -16.18 -19.89
N ASP A 201 2.72 -17.22 -20.21
CA ASP A 201 4.17 -17.14 -20.13
C ASP A 201 4.68 -15.90 -20.85
N GLY A 202 5.62 -15.20 -20.23
CA GLY A 202 6.25 -14.04 -20.82
C GLY A 202 5.43 -12.77 -20.84
N ALA A 203 4.23 -12.79 -20.27
CA ALA A 203 3.38 -11.60 -20.33
C ALA A 203 3.99 -10.47 -19.50
N ILE A 204 3.80 -9.25 -19.98
CA ILE A 204 4.21 -8.07 -19.24
C ILE A 204 2.97 -7.24 -18.96
N ILE A 205 2.70 -6.97 -17.69
CA ILE A 205 1.54 -6.19 -17.26
C ILE A 205 2.08 -4.88 -16.70
N GLY A 206 1.78 -3.78 -17.39
CA GLY A 206 2.37 -2.51 -17.02
C GLY A 206 1.82 -1.96 -15.71
N SER A 207 2.57 -1.01 -15.15
CA SER A 207 2.11 -0.33 -13.95
C SER A 207 0.73 0.28 -14.22
N GLY A 208 -0.13 0.22 -13.20
CA GLY A 208 -1.46 0.78 -13.29
C GLY A 208 -2.44 -0.02 -14.13
N ALA A 209 -2.00 -1.10 -14.77
CA ALA A 209 -2.90 -1.86 -15.64
C ALA A 209 -3.94 -2.60 -14.81
N VAL A 210 -5.17 -2.62 -15.33
CA VAL A 210 -6.30 -3.29 -14.70
C VAL A 210 -6.74 -4.43 -15.62
N VAL A 211 -6.35 -5.66 -15.28
CA VAL A 211 -6.45 -6.79 -16.20
C VAL A 211 -7.74 -7.53 -15.93
N LEU A 212 -8.70 -7.44 -16.86
CA LEU A 212 -10.01 -8.06 -16.70
C LEU A 212 -10.19 -9.34 -17.51
N GLU A 213 -9.25 -9.66 -18.40
CA GLU A 213 -9.36 -10.86 -19.22
C GLU A 213 -7.97 -11.47 -19.39
N ASN A 214 -7.93 -12.70 -19.92
CA ASN A 214 -6.68 -13.44 -20.00
C ASN A 214 -5.67 -12.68 -20.85
N VAL A 215 -4.41 -12.72 -20.44
CA VAL A 215 -3.31 -12.10 -21.17
C VAL A 215 -2.57 -13.18 -21.94
N PRO A 216 -2.52 -13.12 -23.26
CA PRO A 216 -1.85 -14.17 -24.05
C PRO A 216 -0.36 -14.23 -23.73
N PRO A 217 0.30 -15.34 -24.04
CA PRO A 217 1.76 -15.41 -23.81
C PRO A 217 2.50 -14.25 -24.49
N PHE A 218 3.46 -13.68 -23.76
CA PHE A 218 4.37 -12.64 -24.26
C PHE A 218 3.66 -11.38 -24.76
N ALA A 219 2.41 -11.17 -24.38
CA ALA A 219 1.73 -9.91 -24.64
C ALA A 219 2.13 -8.87 -23.59
N VAL A 220 2.14 -7.62 -24.01
CA VAL A 220 2.38 -6.46 -23.14
C VAL A 220 1.06 -5.73 -23.05
N VAL A 221 0.51 -5.61 -21.85
CA VAL A 221 -0.80 -4.99 -21.64
C VAL A 221 -0.64 -3.80 -20.72
N VAL A 222 -1.32 -2.70 -21.08
CA VAL A 222 -1.29 -1.45 -20.34
C VAL A 222 -2.70 -0.88 -20.30
N GLY A 223 -2.96 -0.06 -19.28
CA GLY A 223 -4.15 0.79 -19.25
C GLY A 223 -5.24 0.30 -18.32
N VAL A 224 -6.31 1.09 -18.28
CA VAL A 224 -7.48 0.81 -17.44
C VAL A 224 -8.74 0.89 -18.29
N PRO A 225 -9.30 -0.23 -18.78
CA PRO A 225 -8.83 -1.61 -18.58
C PRO A 225 -7.58 -1.94 -19.40
N ALA A 226 -6.89 -3.03 -19.05
CA ALA A 226 -5.64 -3.35 -19.70
C ALA A 226 -5.87 -3.84 -21.12
N ARG A 227 -5.05 -3.36 -22.06
CA ARG A 227 -5.17 -3.69 -23.47
C ARG A 227 -3.80 -4.08 -24.01
N ILE A 228 -3.78 -5.01 -24.96
CA ILE A 228 -2.51 -5.42 -25.55
C ILE A 228 -1.93 -4.27 -26.35
N LYS A 229 -0.76 -3.81 -25.94
CA LYS A 229 0.00 -2.76 -26.59
C LYS A 229 0.91 -3.33 -27.70
N ARG A 230 1.54 -4.47 -27.43
CA ARG A 230 2.45 -5.12 -28.38
C ARG A 230 2.76 -6.51 -27.83
N TYR A 231 3.45 -7.31 -28.64
CA TYR A 231 4.04 -8.57 -28.20
C TYR A 231 5.55 -8.41 -28.11
N ARG A 232 6.16 -9.14 -27.17
CA ARG A 232 7.60 -9.06 -26.97
C ARG A 232 8.37 -9.63 -28.15
N PHE A 233 7.85 -10.68 -28.78
CA PHE A 233 8.56 -11.39 -29.83
C PHE A 233 7.61 -11.68 -30.98
N SER A 234 8.17 -12.15 -32.08
CA SER A 234 7.36 -12.55 -33.22
C SER A 234 6.54 -13.78 -32.86
N LYS A 235 5.55 -14.09 -33.72
CA LYS A 235 4.72 -15.27 -33.49
C LYS A 235 5.55 -16.54 -33.57
N GLU A 236 6.49 -16.59 -34.51
CA GLU A 236 7.34 -17.78 -34.64
C GLU A 236 8.19 -17.98 -33.39
N MET A 237 8.76 -16.91 -32.84
CA MET A 237 9.61 -17.08 -31.66
C MET A 237 8.78 -17.42 -30.43
N ILE A 238 7.63 -16.78 -30.25
CA ILE A 238 6.72 -17.19 -29.17
C ILE A 238 6.41 -18.69 -29.28
N GLU A 239 6.15 -19.16 -30.50
CA GLU A 239 5.94 -20.59 -30.72
C GLU A 239 7.13 -21.39 -30.23
N THR A 240 8.35 -20.95 -30.55
CA THR A 240 9.56 -21.66 -30.12
C THR A 240 9.73 -21.59 -28.61
N LEU A 241 9.51 -20.39 -28.04
CA LEU A 241 9.64 -20.22 -26.59
C LEU A 241 8.74 -21.18 -25.84
N LEU A 242 7.47 -21.30 -26.27
CA LEU A 242 6.55 -22.20 -25.58
C LEU A 242 6.93 -23.66 -25.77
N ARG A 243 7.65 -23.99 -26.84
CA ARG A 243 8.14 -25.36 -27.01
C ARG A 243 9.36 -25.63 -26.13
N VAL A 244 10.35 -24.73 -26.16
CA VAL A 244 11.62 -25.02 -25.51
C VAL A 244 11.49 -24.92 -24.00
N LYS A 245 10.75 -23.93 -23.50
CA LYS A 245 10.55 -23.73 -22.07
C LYS A 245 11.89 -23.63 -21.33
N TRP A 246 12.69 -22.62 -21.71
CA TRP A 246 13.96 -22.40 -21.00
C TRP A 246 13.76 -22.18 -19.51
N TRP A 247 12.56 -21.74 -19.08
CA TRP A 247 12.35 -21.47 -17.66
C TRP A 247 12.37 -22.72 -16.81
N ASP A 248 12.29 -23.91 -17.42
CA ASP A 248 12.45 -25.17 -16.70
C ASP A 248 13.86 -25.71 -16.77
N TRP A 249 14.78 -25.00 -17.44
CA TRP A 249 16.15 -25.47 -17.54
C TRP A 249 16.81 -25.56 -16.17
N SER A 250 17.81 -26.43 -16.08
CA SER A 250 18.62 -26.49 -14.87
C SER A 250 19.56 -25.29 -14.82
N ILE A 251 20.17 -25.09 -13.66
CA ILE A 251 21.14 -24.00 -13.51
C ILE A 251 22.30 -24.18 -14.47
N GLU A 252 22.79 -25.41 -14.63
CA GLU A 252 23.87 -25.64 -15.59
C GLU A 252 23.44 -25.31 -17.01
N GLU A 253 22.21 -25.68 -17.39
CA GLU A 253 21.71 -25.39 -18.73
C GLU A 253 21.52 -23.90 -18.94
N ILE A 254 21.12 -23.17 -17.90
CA ILE A 254 20.98 -21.71 -18.02
C ILE A 254 22.33 -21.08 -18.32
N ASN A 255 23.39 -21.54 -17.65
CA ASN A 255 24.70 -20.94 -17.89
C ASN A 255 25.28 -21.39 -19.21
N GLU A 256 25.14 -22.68 -19.55
CA GLU A 256 25.65 -23.16 -20.82
C GLU A 256 24.99 -22.47 -22.00
N ASN A 257 23.74 -22.03 -21.85
CA ASN A 257 23.00 -21.43 -22.95
C ASN A 257 22.79 -19.94 -22.76
N VAL A 258 23.68 -19.27 -22.02
CA VAL A 258 23.45 -17.88 -21.66
C VAL A 258 23.41 -16.97 -22.88
N ASP A 259 24.17 -17.28 -23.92
CA ASP A 259 24.16 -16.41 -25.08
C ASP A 259 22.80 -16.41 -25.77
N ALA A 260 22.10 -17.55 -25.78
CA ALA A 260 20.77 -17.59 -26.37
C ALA A 260 19.74 -16.88 -25.48
N LEU A 261 19.96 -16.87 -24.16
CA LEU A 261 19.04 -16.16 -23.26
C LEU A 261 19.22 -14.65 -23.36
N ILE A 262 20.46 -14.20 -23.56
CA ILE A 262 20.72 -12.77 -23.66
C ILE A 262 20.37 -12.26 -25.06
N SER A 263 20.50 -13.09 -26.08
CA SER A 263 20.26 -12.67 -27.46
C SER A 263 19.12 -13.47 -28.07
N PRO A 264 17.94 -12.87 -28.29
CA PRO A 264 16.87 -13.60 -28.98
C PRO A 264 17.26 -14.11 -30.35
N GLU A 265 18.12 -13.38 -31.07
CA GLU A 265 18.56 -13.84 -32.39
C GLU A 265 19.32 -15.15 -32.28
N LEU A 266 20.14 -15.30 -31.24
CA LEU A 266 20.83 -16.57 -31.02
C LEU A 266 19.89 -17.65 -30.49
N PHE A 267 18.86 -17.24 -29.76
CA PHE A 267 17.84 -18.20 -29.33
C PHE A 267 17.16 -18.82 -30.54
N MET A 268 16.71 -17.99 -31.49
CA MET A 268 16.02 -18.51 -32.67
C MET A 268 16.95 -19.37 -33.52
N LYS A 269 18.22 -18.97 -33.64
CA LYS A 269 19.15 -19.76 -34.43
C LYS A 269 19.36 -21.15 -33.82
N LYS A 270 19.43 -21.23 -32.50
CA LYS A 270 19.71 -22.50 -31.83
C LYS A 270 18.46 -23.38 -31.76
N TYR A 271 17.30 -22.81 -31.45
CA TYR A 271 16.10 -23.58 -31.18
C TYR A 271 14.97 -23.40 -32.20
N GLY A 272 15.03 -22.38 -33.06
CA GLY A 272 13.92 -22.09 -33.94
C GLY A 272 14.24 -22.16 -35.42
N MET B 1 23.49 7.29 4.09
CA MET B 1 23.53 6.18 5.04
C MET B 1 23.02 6.63 6.41
N LYS B 2 23.25 7.90 6.73
CA LYS B 2 22.69 8.51 7.92
C LYS B 2 21.16 8.55 7.81
N THR B 3 20.48 8.02 8.81
CA THR B 3 19.02 8.07 8.81
C THR B 3 18.52 9.50 9.01
N ARG B 4 17.25 9.70 8.66
CA ARG B 4 16.63 11.00 8.95
C ARG B 4 16.70 11.33 10.43
N LEU B 5 16.46 10.34 11.29
CA LEU B 5 16.48 10.60 12.73
C LEU B 5 17.84 11.14 13.15
N GLU B 6 18.91 10.45 12.76
CA GLU B 6 20.25 10.87 13.14
C GLU B 6 20.54 12.29 12.68
N GLN B 7 20.11 12.63 11.46
CA GLN B 7 20.33 13.99 10.96
C GLN B 7 19.59 15.02 11.82
N VAL B 8 18.40 14.67 12.31
CA VAL B 8 17.64 15.61 13.13
C VAL B 8 18.26 15.75 14.52
N LEU B 9 18.61 14.62 15.13
CA LEU B 9 19.25 14.66 16.44
C LEU B 9 20.57 15.42 16.38
N GLU B 10 21.32 15.26 15.29
CA GLU B 10 22.59 15.99 15.14
C GLU B 10 22.39 17.49 15.26
N ARG B 11 21.23 17.99 14.88
CA ARG B 11 20.97 19.42 14.85
C ARG B 11 20.18 19.92 16.05
N TYR B 12 19.28 19.10 16.61
CA TYR B 12 18.33 19.60 17.59
C TYR B 12 18.42 18.95 18.97
N LEU B 13 19.09 17.80 19.11
CA LEU B 13 19.07 17.09 20.39
C LEU B 13 19.56 18.00 21.52
N ASN B 14 20.60 18.80 21.25
CA ASN B 14 21.01 19.86 22.17
C ASN B 14 21.35 19.32 23.56
N GLY B 15 22.06 18.20 23.59
CA GLY B 15 22.50 17.61 24.83
C GLY B 15 21.44 16.86 25.63
N ARG B 16 20.22 16.72 25.11
CA ARG B 16 19.16 16.05 25.86
C ARG B 16 19.29 14.53 25.69
N GLU B 17 18.43 13.79 26.38
CA GLU B 17 18.32 12.35 26.21
C GLU B 17 17.12 12.00 25.33
N VAL B 18 17.27 10.95 24.55
CA VAL B 18 16.19 10.48 23.70
C VAL B 18 15.25 9.61 24.53
N ALA B 19 13.98 9.96 24.52
CA ALA B 19 12.94 9.18 25.20
C ALA B 19 12.21 8.39 24.12
N VAL B 20 12.34 7.07 24.13
CA VAL B 20 11.76 6.26 23.06
C VAL B 20 10.32 5.93 23.41
N TRP B 21 9.39 6.43 22.60
CA TRP B 21 7.96 6.21 22.73
C TRP B 21 7.59 5.08 21.79
N GLY B 22 7.58 3.87 22.32
CA GLY B 22 7.22 2.68 21.56
C GLY B 22 8.25 1.59 21.75
N VAL B 23 7.94 0.43 21.18
CA VAL B 23 8.84 -0.71 21.27
C VAL B 23 10.00 -0.48 20.31
N PRO B 24 11.23 -0.46 20.79
CA PRO B 24 12.37 -0.20 19.90
C PRO B 24 12.64 -1.38 18.98
N THR B 25 13.27 -1.08 17.86
CA THR B 25 13.62 -2.07 16.84
C THR B 25 15.14 -2.20 16.75
N ARG B 26 15.58 -3.24 16.03
CA ARG B 26 17.01 -3.37 15.75
C ARG B 26 17.54 -2.12 15.06
N ARG B 27 16.86 -1.65 14.02
CA ARG B 27 17.36 -0.52 13.25
C ARG B 27 17.40 0.75 14.08
N LEU B 28 16.42 0.95 14.97
CA LEU B 28 16.42 2.13 15.82
C LEU B 28 17.57 2.09 16.83
N LEU B 29 17.77 0.94 17.47
CA LEU B 29 18.83 0.84 18.48
C LEU B 29 20.21 1.03 17.87
N ARG B 30 20.39 0.63 16.62
CA ARG B 30 21.65 0.90 15.95
C ARG B 30 21.82 2.39 15.68
N ALA B 31 20.75 3.05 15.21
CA ALA B 31 20.83 4.48 14.97
C ALA B 31 20.98 5.28 16.25
N LEU B 32 20.61 4.72 17.40
CA LEU B 32 20.69 5.41 18.69
C LEU B 32 21.96 5.09 19.48
N LYS B 33 22.84 4.25 18.95
CA LYS B 33 24.11 3.96 19.61
C LYS B 33 24.89 5.20 20.02
N PRO B 34 24.99 6.28 19.20
CA PRO B 34 25.80 7.44 19.64
C PRO B 34 25.13 8.33 20.67
N PHE B 35 23.95 7.95 21.17
CA PHE B 35 23.16 8.86 21.98
C PHE B 35 22.72 8.20 23.29
N LYS B 36 22.44 9.06 24.27
CA LYS B 36 21.80 8.64 25.52
C LYS B 36 20.31 8.44 25.25
N PHE B 37 19.79 7.25 25.54
CA PHE B 37 18.37 6.98 25.33
C PHE B 37 17.82 6.06 26.41
N HIS B 38 16.50 6.11 26.58
CA HIS B 38 15.78 5.30 27.55
C HIS B 38 14.33 5.17 27.10
N THR B 39 13.63 4.18 27.67
CA THR B 39 12.21 4.01 27.42
C THR B 39 11.44 5.18 28.02
N ALA B 40 10.61 5.83 27.20
CA ALA B 40 9.91 7.03 27.65
C ALA B 40 8.85 6.68 28.69
N ASP B 41 8.73 7.53 29.71
CA ASP B 41 7.64 7.41 30.67
C ASP B 41 7.08 8.81 30.94
N ARG B 42 7.67 9.51 31.90
CA ARG B 42 7.41 10.92 32.07
C ARG B 42 8.44 11.69 31.24
N VAL B 43 7.98 12.58 30.38
CA VAL B 43 8.85 13.26 29.44
C VAL B 43 8.70 14.76 29.62
N ASP B 44 9.81 15.47 29.47
CA ASP B 44 9.91 16.92 29.67
C ASP B 44 10.85 17.45 28.60
N PRO B 45 10.43 18.41 27.77
CA PRO B 45 11.30 18.84 26.67
C PRO B 45 12.58 19.50 27.16
N GLN B 46 12.63 19.92 28.42
CA GLN B 46 13.87 20.40 29.03
C GLN B 46 14.96 19.33 29.00
N TYR B 47 14.60 18.09 29.28
CA TYR B 47 15.55 17.00 29.43
C TYR B 47 15.51 15.99 28.31
N HIS B 48 14.42 15.93 27.55
CA HIS B 48 14.16 14.79 26.67
C HIS B 48 13.80 15.25 25.28
N TYR B 49 14.16 14.41 24.31
CA TYR B 49 13.73 14.48 22.92
C TYR B 49 12.99 13.19 22.64
N VAL B 50 11.72 13.27 22.22
CA VAL B 50 10.90 12.07 22.10
C VAL B 50 11.00 11.50 20.68
N VAL B 51 11.32 10.21 20.59
CA VAL B 51 11.27 9.52 19.30
C VAL B 51 10.15 8.49 19.37
N ALA B 52 9.07 8.75 18.63
CA ALA B 52 8.06 7.73 18.36
C ALA B 52 8.64 6.72 17.40
N VAL B 53 8.52 5.43 17.72
CA VAL B 53 9.12 4.42 16.84
C VAL B 53 8.32 4.32 15.54
N THR B 54 7.00 4.13 15.65
CA THR B 54 6.10 4.03 14.50
C THR B 54 5.18 5.24 14.45
N ASP B 55 4.50 5.40 13.31
CA ASP B 55 3.50 6.45 13.21
C ASP B 55 2.37 6.24 14.22
N ASP B 56 2.00 4.99 14.46
CA ASP B 56 0.97 4.71 15.45
C ASP B 56 1.42 5.12 16.84
N ASP B 57 2.69 4.86 17.17
CA ASP B 57 3.27 5.39 18.40
C ASP B 57 3.16 6.90 18.45
N LEU B 58 3.40 7.59 17.33
CA LEU B 58 3.32 9.05 17.34
C LEU B 58 1.91 9.52 17.64
N THR B 59 0.90 8.85 17.05
CA THR B 59 -0.49 9.17 17.35
C THR B 59 -0.74 9.09 18.85
N ASP B 60 -0.17 8.08 19.51
CA ASP B 60 -0.37 7.93 20.94
C ASP B 60 0.32 9.04 21.70
N PHE B 61 1.56 9.38 21.33
CA PHE B 61 2.28 10.46 21.99
C PHE B 61 1.51 11.77 21.90
N LEU B 62 1.02 12.11 20.70
CA LEU B 62 0.34 13.38 20.50
C LEU B 62 -1.04 13.41 21.16
N SER B 63 -1.63 12.26 21.46
CA SER B 63 -2.86 12.27 22.25
C SER B 63 -2.57 12.41 23.74
N ASP B 64 -1.33 12.22 24.17
CA ASP B 64 -0.94 12.33 25.56
C ASP B 64 -0.78 13.80 25.94
N GLU B 65 -1.19 14.15 27.17
CA GLU B 65 -1.10 15.54 27.60
C GLU B 65 0.34 16.04 27.72
N GLN B 66 1.31 15.15 27.93
CA GLN B 66 2.69 15.59 28.05
C GLN B 66 3.26 16.15 26.76
N SER B 67 2.62 15.87 25.62
CA SER B 67 3.21 16.21 24.34
C SER B 67 3.00 17.66 23.93
N LYS B 68 2.13 18.41 24.59
CA LYS B 68 1.83 19.76 24.11
C LYS B 68 3.02 20.71 24.28
N SER B 69 4.02 20.33 25.08
CA SER B 69 5.24 21.12 25.22
C SER B 69 6.29 20.79 24.16
N PHE B 70 6.05 19.83 23.29
CA PHE B 70 7.05 19.36 22.33
C PHE B 70 6.72 19.88 20.94
N GLN B 71 7.73 20.45 20.27
CA GLN B 71 7.58 20.97 18.92
C GLN B 71 8.12 19.94 17.93
N TYR B 72 7.46 19.85 16.77
CA TYR B 72 7.85 18.89 15.74
C TYR B 72 9.27 19.17 15.26
N ALA B 73 10.05 18.10 15.15
CA ALA B 73 11.46 18.11 14.72
C ALA B 73 12.38 18.66 15.81
N ASN B 74 12.02 19.81 16.39
CA ASN B 74 12.86 20.41 17.43
C ASN B 74 12.92 19.54 18.67
N ASP B 75 11.79 18.91 19.02
CA ASP B 75 11.70 18.15 20.26
C ASP B 75 11.17 16.73 20.09
N TYR B 76 10.63 16.37 18.93
CA TYR B 76 10.14 15.02 18.72
C TYR B 76 10.19 14.65 17.24
N LEU B 77 10.26 13.35 16.98
CA LEU B 77 10.30 12.83 15.62
C LEU B 77 9.78 11.40 15.63
N THR B 78 9.42 10.90 14.45
CA THR B 78 9.09 9.50 14.25
C THR B 78 10.26 8.80 13.57
N PHE B 79 10.66 7.63 14.10
CA PHE B 79 11.79 6.93 13.51
C PHE B 79 11.44 6.36 12.13
N ASP B 80 10.29 5.70 12.03
CA ASP B 80 9.84 5.08 10.77
C ASP B 80 9.08 6.09 9.91
N ASP B 81 9.84 7.03 9.37
CA ASP B 81 9.30 8.14 8.58
C ASP B 81 10.44 8.78 7.80
N GLU B 82 11.23 7.94 7.10
CA GLU B 82 12.43 8.45 6.44
CA GLU B 82 12.43 8.44 6.43
C GLU B 82 12.11 9.51 5.40
N GLY B 83 10.88 9.55 4.88
CA GLY B 83 10.52 10.55 3.91
C GLY B 83 9.76 11.72 4.51
N GLY B 84 9.79 11.85 5.83
CA GLY B 84 9.00 12.88 6.50
C GLY B 84 9.57 14.27 6.28
N GLU B 85 8.68 15.26 6.26
CA GLU B 85 9.08 16.64 6.06
C GLU B 85 9.93 17.16 7.22
N LEU B 86 10.78 18.14 6.91
CA LEU B 86 11.68 18.73 7.89
C LEU B 86 11.86 20.20 7.57
N PRO B 87 12.19 21.01 8.56
CA PRO B 87 12.45 22.43 8.30
C PRO B 87 13.82 22.74 7.72
N PHE B 88 14.69 21.76 7.54
CA PHE B 88 15.99 22.00 6.91
C PHE B 88 16.18 21.02 5.76
N GLU B 89 17.06 21.39 4.83
CA GLU B 89 17.43 20.50 3.73
C GLU B 89 18.28 19.35 4.25
N ARG B 90 17.98 18.14 3.78
CA ARG B 90 18.56 16.92 4.34
C ARG B 90 19.00 16.00 3.22
N MET B 91 19.60 14.88 3.62
CA MET B 91 19.96 13.79 2.70
C MET B 91 19.05 12.60 2.97
N CYS B 92 18.64 11.94 1.89
CA CYS B 92 17.94 10.66 1.96
C CYS B 92 18.73 9.72 1.04
N PHE B 93 19.57 8.87 1.62
CA PHE B 93 20.38 7.91 0.84
C PHE B 93 21.15 8.61 -0.29
N ASN B 94 21.88 9.67 0.06
CA ASN B 94 22.69 10.44 -0.88
C ASN B 94 21.87 11.31 -1.82
N VAL B 95 20.57 11.47 -1.59
CA VAL B 95 19.70 12.29 -2.41
C VAL B 95 19.38 13.55 -1.62
N PRO B 96 19.74 14.74 -2.11
CA PRO B 96 19.32 15.99 -1.44
C PRO B 96 17.81 16.17 -1.52
N VAL B 97 17.22 16.53 -0.38
CA VAL B 97 15.79 16.76 -0.24
C VAL B 97 15.61 18.16 0.34
N GLY B 98 14.72 18.95 -0.25
CA GLY B 98 14.48 20.30 0.19
C GLY B 98 13.64 20.38 1.45
N ARG B 99 13.39 21.62 1.89
CA ARG B 99 12.61 21.87 3.09
C ARG B 99 11.12 21.61 2.87
N GLN B 100 10.46 21.14 3.93
CA GLN B 100 9.01 20.89 3.94
C GLN B 100 8.57 20.02 2.77
N THR B 101 9.37 18.98 2.49
CA THR B 101 9.11 18.04 1.41
C THR B 101 8.89 16.66 2.01
N TYR B 102 7.84 15.96 1.57
CA TYR B 102 7.53 14.66 2.14
C TYR B 102 7.17 13.67 1.04
N PHE B 103 7.37 12.39 1.35
CA PHE B 103 7.13 11.28 0.43
C PHE B 103 7.15 10.00 1.25
N GLY B 104 6.64 8.92 0.66
CA GLY B 104 6.51 7.65 1.34
C GLY B 104 7.61 6.66 0.97
N ASP B 105 7.39 5.42 1.40
CA ASP B 105 8.46 4.43 1.37
C ASP B 105 8.79 3.99 -0.04
N GLY B 106 7.87 4.17 -0.99
CA GLY B 106 8.20 3.90 -2.37
C GLY B 106 9.27 4.83 -2.90
N VAL B 107 9.18 6.12 -2.55
CA VAL B 107 10.15 7.09 -3.03
C VAL B 107 11.47 6.94 -2.27
N VAL B 108 11.40 6.65 -0.97
CA VAL B 108 12.59 6.33 -0.18
C VAL B 108 13.38 5.20 -0.84
N GLY B 109 12.69 4.14 -1.25
CA GLY B 109 13.37 3.04 -1.90
C GLY B 109 14.00 3.44 -3.23
N ALA B 110 13.31 4.32 -3.97
CA ALA B 110 13.86 4.83 -5.22
C ALA B 110 15.12 5.63 -4.94
N CYS B 111 15.13 6.38 -3.83
CA CYS B 111 16.32 7.09 -3.41
C CYS B 111 17.46 6.12 -3.18
N GLU B 112 17.20 5.07 -2.39
CA GLU B 112 18.22 4.07 -2.09
C GLU B 112 18.70 3.34 -3.35
N ASN B 113 17.83 3.19 -4.35
CA ASN B 113 18.21 2.49 -5.57
C ASN B 113 19.04 3.36 -6.51
N GLY B 114 19.21 4.64 -6.21
CA GLY B 114 19.96 5.49 -7.11
C GLY B 114 19.14 6.07 -8.25
N TYR B 115 17.82 5.96 -8.18
CA TYR B 115 16.96 6.42 -9.27
C TYR B 115 16.69 7.92 -9.23
N ILE B 116 16.98 8.62 -8.14
CA ILE B 116 16.57 10.01 -7.96
C ILE B 116 17.82 10.84 -7.73
N LYS B 117 17.96 11.95 -8.47
CA LYS B 117 19.09 12.84 -8.26
C LYS B 117 18.85 13.80 -7.10
N SER B 118 17.67 14.41 -7.06
CA SER B 118 17.34 15.33 -5.99
C SER B 118 15.83 15.52 -5.99
N ILE B 119 15.32 15.94 -4.83
CA ILE B 119 13.92 16.28 -4.66
C ILE B 119 13.87 17.70 -4.08
N GLY B 120 13.04 18.54 -4.67
CA GLY B 120 13.07 19.97 -4.42
C GLY B 120 12.37 20.36 -3.13
N GLN B 121 12.19 21.68 -2.98
CA GLN B 121 11.64 22.27 -1.77
C GLN B 121 10.12 22.39 -1.85
N PHE B 122 9.45 22.21 -0.70
CA PHE B 122 7.99 22.38 -0.62
C PHE B 122 7.27 21.45 -1.60
N THR B 123 7.72 20.20 -1.65
CA THR B 123 7.18 19.22 -2.60
C THR B 123 6.43 18.15 -1.81
N SER B 124 5.22 17.84 -2.27
CA SER B 124 4.25 17.02 -1.54
C SER B 124 3.98 15.76 -2.33
N ILE B 125 4.44 14.61 -1.84
CA ILE B 125 4.28 13.35 -2.56
C ILE B 125 3.51 12.37 -1.71
N ASN B 126 2.33 11.98 -2.20
CA ASN B 126 1.51 10.99 -1.52
C ASN B 126 2.32 9.75 -1.20
N GLY B 127 2.08 9.18 -0.02
CA GLY B 127 2.84 8.03 0.42
C GLY B 127 2.65 6.77 -0.42
N THR B 128 1.58 6.67 -1.21
CA THR B 128 1.36 5.48 -2.01
C THR B 128 1.96 5.59 -3.40
N ALA B 129 2.61 6.71 -3.72
CA ALA B 129 3.26 6.83 -5.03
C ALA B 129 4.45 5.91 -5.13
N GLU B 130 4.74 5.45 -6.35
CA GLU B 130 5.79 4.46 -6.58
C GLU B 130 6.68 4.92 -7.73
N ILE B 131 7.97 4.61 -7.62
CA ILE B 131 8.95 4.93 -8.64
C ILE B 131 9.84 3.70 -8.80
N HIS B 132 9.80 3.07 -9.96
CA HIS B 132 10.73 1.99 -10.24
C HIS B 132 11.05 1.98 -11.73
N ALA B 133 12.02 1.16 -12.11
CA ALA B 133 12.52 1.11 -13.47
C ALA B 133 11.88 -0.04 -14.24
N ASN B 134 12.24 -0.14 -15.52
CA ASN B 134 11.96 -1.30 -16.33
C ASN B 134 13.11 -2.29 -16.22
N HIS B 135 12.78 -3.58 -16.28
CA HIS B 135 13.75 -4.62 -16.55
C HIS B 135 14.19 -4.55 -18.02
N GLN B 136 15.23 -5.29 -18.37
CA GLN B 136 15.66 -5.35 -19.76
C GLN B 136 14.52 -5.86 -20.65
N LEU B 137 14.35 -5.21 -21.80
CA LEU B 137 13.32 -5.56 -22.77
C LEU B 137 13.91 -6.02 -24.10
N ASN B 138 15.24 -6.21 -24.18
CA ASN B 138 15.89 -6.59 -25.42
C ASN B 138 16.59 -7.94 -25.32
N MET B 139 16.24 -8.74 -24.34
CA MET B 139 16.80 -10.08 -24.22
C MET B 139 15.69 -11.11 -24.41
N THR B 140 16.03 -12.37 -24.25
CA THR B 140 15.01 -13.40 -24.32
C THR B 140 14.15 -13.43 -23.07
N PHE B 141 14.71 -13.07 -21.92
CA PHE B 141 14.00 -13.10 -20.65
C PHE B 141 13.79 -11.68 -20.14
N VAL B 142 12.72 -11.49 -19.36
CA VAL B 142 12.48 -10.23 -18.67
C VAL B 142 12.79 -10.31 -17.18
N SER B 143 12.97 -11.51 -16.64
CA SER B 143 13.25 -11.65 -15.21
C SER B 143 14.54 -10.95 -14.83
N ASP B 144 14.59 -10.43 -13.60
CA ASP B 144 15.86 -9.98 -13.05
C ASP B 144 16.54 -11.05 -12.20
N ASP B 145 15.77 -11.79 -11.40
CA ASP B 145 16.40 -12.68 -10.44
C ASP B 145 16.90 -13.98 -11.06
N ILE B 146 16.67 -14.20 -12.34
CA ILE B 146 17.39 -15.27 -13.04
C ILE B 146 18.89 -15.10 -12.83
N GLN B 147 19.35 -13.87 -12.65
CA GLN B 147 20.78 -13.61 -12.54
C GLN B 147 21.37 -14.12 -11.23
N ASN B 148 20.54 -14.52 -10.26
CA ASN B 148 21.07 -15.21 -9.10
C ASN B 148 21.64 -16.57 -9.45
N PHE B 149 21.30 -17.11 -10.61
CA PHE B 149 21.85 -18.37 -11.09
C PHE B 149 23.03 -18.19 -12.05
N PHE B 150 23.41 -16.95 -12.40
CA PHE B 150 24.49 -16.73 -13.35
C PHE B 150 25.84 -16.87 -12.66
N ASN B 151 26.73 -17.67 -13.24
CA ASN B 151 28.13 -17.65 -12.80
C ASN B 151 28.80 -16.37 -13.28
N GLU B 152 30.07 -16.19 -12.93
CA GLU B 152 30.72 -14.93 -13.21
C GLU B 152 30.82 -14.65 -14.71
N GLU B 153 31.00 -15.70 -15.52
CA GLU B 153 31.06 -15.48 -16.96
C GLU B 153 29.71 -15.08 -17.52
N SER B 154 28.63 -15.74 -17.08
CA SER B 154 27.29 -15.35 -17.53
C SER B 154 26.91 -13.96 -17.06
N MET B 155 27.22 -13.63 -15.79
CA MET B 155 26.86 -12.32 -15.28
C MET B 155 27.55 -11.20 -16.05
N ALA B 156 28.83 -11.42 -16.40
CA ALA B 156 29.57 -10.42 -17.16
C ALA B 156 28.89 -10.12 -18.50
N VAL B 157 28.45 -11.16 -19.20
CA VAL B 157 27.80 -10.95 -20.50
C VAL B 157 26.47 -10.26 -20.32
N PHE B 158 25.75 -10.62 -19.25
CA PHE B 158 24.48 -9.97 -18.93
C PHE B 158 24.68 -8.48 -18.62
N GLN B 159 25.61 -8.18 -17.71
CA GLN B 159 25.83 -6.79 -17.32
C GLN B 159 26.36 -5.95 -18.47
N GLU B 160 27.17 -6.55 -19.34
CA GLU B 160 27.68 -5.81 -20.50
C GLU B 160 26.54 -5.34 -21.40
N LYS B 161 25.57 -6.21 -21.66
CA LYS B 161 24.45 -5.80 -22.52
C LYS B 161 23.58 -4.75 -21.84
N LEU B 162 23.34 -4.88 -20.54
CA LEU B 162 22.53 -3.89 -19.83
C LEU B 162 23.16 -2.50 -19.94
N ARG B 163 24.48 -2.42 -19.85
CA ARG B 163 25.13 -1.11 -19.85
C ARG B 163 25.06 -0.43 -21.21
N LYS B 164 24.99 -1.21 -22.28
CA LYS B 164 24.91 -0.64 -23.62
C LYS B 164 23.48 -0.43 -24.10
N ASP B 165 22.49 -0.79 -23.28
CA ASP B 165 21.08 -0.68 -23.62
C ASP B 165 20.61 0.77 -23.55
N PRO B 166 20.19 1.37 -24.67
CA PRO B 166 19.82 2.79 -24.66
C PRO B 166 18.49 3.07 -23.97
N LYS B 167 17.70 2.05 -23.65
CA LYS B 167 16.44 2.25 -22.96
C LYS B 167 16.56 2.14 -21.45
N HIS B 168 17.79 2.02 -20.93
CA HIS B 168 18.14 2.20 -19.52
C HIS B 168 17.43 1.20 -18.61
N PRO B 169 17.65 -0.10 -18.78
CA PRO B 169 17.10 -1.05 -17.80
C PRO B 169 17.73 -0.80 -16.44
N TYR B 170 16.90 -0.90 -15.40
CA TYR B 170 17.33 -0.67 -14.01
C TYR B 170 17.97 0.71 -13.86
N ALA B 171 17.58 1.64 -14.74
CA ALA B 171 18.10 3.00 -14.78
C ALA B 171 19.58 3.03 -15.11
N TYR B 172 20.07 2.03 -15.84
CA TYR B 172 21.47 2.03 -16.28
C TYR B 172 21.72 3.16 -17.26
N SER B 173 22.92 3.76 -17.18
CA SER B 173 23.44 4.72 -18.16
C SER B 173 22.53 5.92 -18.41
N LYS B 174 21.77 6.36 -17.40
CA LYS B 174 20.98 7.58 -17.53
C LYS B 174 21.18 8.46 -16.31
N GLU B 175 20.85 9.74 -16.45
CA GLU B 175 20.83 10.63 -15.29
C GLU B 175 19.71 10.23 -14.35
N PRO B 176 20.00 10.02 -13.06
CA PRO B 176 18.91 9.87 -12.09
C PRO B 176 17.96 11.07 -12.17
N MET B 177 16.70 10.86 -11.80
CA MET B 177 15.68 11.87 -12.08
C MET B 177 15.67 12.99 -11.04
N THR B 178 15.48 14.22 -11.51
CA THR B 178 15.23 15.34 -10.62
C THR B 178 13.73 15.52 -10.46
N ILE B 179 13.29 15.67 -9.21
CA ILE B 179 11.92 16.07 -8.89
C ILE B 179 11.99 17.50 -8.37
N GLY B 180 11.25 18.39 -9.01
CA GLY B 180 11.38 19.81 -8.76
C GLY B 180 10.79 20.24 -7.43
N SER B 181 10.67 21.56 -7.27
CA SER B 181 10.07 22.19 -6.10
C SER B 181 8.61 22.54 -6.37
N ASP B 182 7.84 22.72 -5.30
CA ASP B 182 6.41 23.01 -5.38
C ASP B 182 5.67 21.99 -6.25
N VAL B 183 6.11 20.73 -6.15
CA VAL B 183 5.54 19.60 -6.90
C VAL B 183 4.50 18.92 -6.04
N TYR B 184 3.45 18.38 -6.68
CA TYR B 184 2.42 17.62 -6.01
C TYR B 184 2.20 16.32 -6.77
N ILE B 185 2.19 15.20 -6.05
CA ILE B 185 2.02 13.88 -6.63
C ILE B 185 0.93 13.15 -5.84
N GLY B 186 -0.13 12.73 -6.54
CA GLY B 186 -1.31 12.20 -5.89
C GLY B 186 -1.18 10.72 -5.58
N ALA B 187 -2.22 10.20 -4.90
CA ALA B 187 -2.25 8.80 -4.52
C ALA B 187 -2.10 7.85 -5.71
N HIS B 188 -1.34 6.77 -5.50
CA HIS B 188 -1.16 5.66 -6.45
C HIS B 188 -0.49 6.09 -7.76
N ALA B 189 0.17 7.25 -7.78
CA ALA B 189 0.89 7.65 -8.96
C ALA B 189 2.12 6.77 -9.15
N PHE B 190 2.60 6.73 -10.38
CA PHE B 190 3.80 5.96 -10.71
C PHE B 190 4.66 6.79 -11.64
N ILE B 191 5.97 6.80 -11.40
CA ILE B 191 6.93 7.42 -12.32
C ILE B 191 7.94 6.38 -12.75
N ASN B 192 8.20 6.28 -14.05
CA ASN B 192 9.07 5.25 -14.59
C ASN B 192 10.52 5.72 -14.54
N ALA B 193 11.33 5.06 -13.71
CA ALA B 193 12.69 5.51 -13.50
C ALA B 193 13.60 5.17 -14.68
N SER B 194 13.14 4.37 -15.64
CA SER B 194 13.94 4.11 -16.84
C SER B 194 13.77 5.20 -17.89
N THR B 195 12.59 5.83 -17.97
CA THR B 195 12.28 6.71 -19.08
C THR B 195 12.01 8.16 -18.67
N VAL B 196 12.14 8.50 -17.39
CA VAL B 196 11.90 9.85 -16.89
C VAL B 196 13.19 10.36 -16.26
N THR B 197 13.63 11.55 -16.66
CA THR B 197 14.76 12.19 -15.99
C THR B 197 14.40 13.49 -15.28
N SER B 198 13.21 14.04 -15.48
CA SER B 198 12.86 15.31 -14.85
CA SER B 198 12.86 15.31 -14.85
C SER B 198 11.37 15.43 -14.63
N ILE B 199 10.99 15.74 -13.39
CA ILE B 199 9.63 16.18 -13.04
C ILE B 199 9.75 17.67 -12.73
N GLY B 200 9.25 18.50 -13.63
CA GLY B 200 9.56 19.92 -13.57
C GLY B 200 9.04 20.57 -12.30
N ASP B 201 9.66 21.72 -11.99
CA ASP B 201 9.18 22.55 -10.90
C ASP B 201 7.70 22.84 -11.08
N GLY B 202 6.94 22.77 -9.99
CA GLY B 202 5.53 23.10 -10.02
C GLY B 202 4.61 22.07 -10.64
N ALA B 203 5.12 20.92 -11.07
CA ALA B 203 4.28 19.94 -11.74
C ALA B 203 3.28 19.32 -10.77
N ILE B 204 2.08 19.04 -11.27
CA ILE B 204 1.06 18.32 -10.52
C ILE B 204 0.80 17.01 -11.24
N ILE B 205 0.95 15.90 -10.51
CA ILE B 205 0.72 14.57 -11.03
C ILE B 205 -0.51 14.04 -10.33
N GLY B 206 -1.58 13.84 -11.09
CA GLY B 206 -2.85 13.47 -10.51
C GLY B 206 -2.82 12.07 -9.94
N SER B 207 -3.78 11.82 -9.04
CA SER B 207 -3.92 10.49 -8.45
C SER B 207 -4.08 9.45 -9.56
N GLY B 208 -3.36 8.34 -9.43
CA GLY B 208 -3.47 7.28 -10.42
C GLY B 208 -2.73 7.51 -11.72
N ALA B 209 -2.03 8.63 -11.87
CA ALA B 209 -1.30 8.91 -13.11
C ALA B 209 -0.07 8.02 -13.24
N VAL B 210 0.19 7.57 -14.46
CA VAL B 210 1.33 6.70 -14.76
C VAL B 210 2.26 7.48 -15.67
N VAL B 211 3.31 8.04 -15.10
CA VAL B 211 4.17 9.01 -15.79
C VAL B 211 5.32 8.25 -16.45
N LEU B 212 5.34 8.26 -17.80
CA LEU B 212 6.34 7.52 -18.57
C LEU B 212 7.36 8.42 -19.24
N GLU B 213 7.18 9.75 -19.19
CA GLU B 213 8.14 10.67 -19.77
C GLU B 213 8.14 11.96 -18.95
N ASN B 214 9.13 12.81 -19.23
CA ASN B 214 9.33 14.02 -18.44
C ASN B 214 8.07 14.87 -18.37
N VAL B 215 7.84 15.46 -17.21
CA VAL B 215 6.73 16.39 -16.98
C VAL B 215 7.29 17.80 -17.02
N PRO B 216 6.83 18.66 -17.94
CA PRO B 216 7.35 20.04 -17.99
C PRO B 216 6.98 20.81 -16.74
N PRO B 217 7.72 21.87 -16.43
CA PRO B 217 7.40 22.68 -15.24
C PRO B 217 5.95 23.14 -15.27
N PHE B 218 5.28 23.00 -14.13
CA PHE B 218 3.93 23.53 -13.91
C PHE B 218 2.88 22.89 -14.81
N ALA B 219 3.20 21.76 -15.44
CA ALA B 219 2.18 20.99 -16.14
C ALA B 219 1.40 20.14 -15.15
N VAL B 220 0.12 19.91 -15.47
CA VAL B 220 -0.74 18.99 -14.74
C VAL B 220 -0.98 17.79 -15.64
N VAL B 221 -0.58 16.60 -15.18
CA VAL B 221 -0.69 15.38 -15.97
C VAL B 221 -1.59 14.40 -15.24
N VAL B 222 -2.45 13.72 -16.01
CA VAL B 222 -3.40 12.74 -15.49
C VAL B 222 -3.50 11.58 -16.46
N GLY B 223 -3.92 10.42 -15.93
CA GLY B 223 -4.27 9.28 -16.75
C GLY B 223 -3.20 8.20 -16.79
N VAL B 224 -3.57 7.10 -17.43
CA VAL B 224 -2.71 5.94 -17.64
C VAL B 224 -2.63 5.67 -19.14
N PRO B 225 -1.55 6.10 -19.82
CA PRO B 225 -0.40 6.81 -19.25
C PRO B 225 -0.72 8.29 -19.09
N ALA B 226 0.15 9.00 -18.38
CA ALA B 226 -0.17 10.38 -18.02
C ALA B 226 -0.02 11.29 -19.23
N ARG B 227 -0.95 12.23 -19.34
CA ARG B 227 -1.01 13.21 -20.43
C ARG B 227 -1.20 14.59 -19.81
N ILE B 228 -0.60 15.59 -20.43
CA ILE B 228 -0.76 16.97 -19.95
C ILE B 228 -2.20 17.41 -20.13
N LYS B 229 -2.86 17.80 -19.04
CA LYS B 229 -4.23 18.29 -19.10
C LYS B 229 -4.29 19.81 -19.18
N ARG B 230 -3.36 20.50 -18.53
CA ARG B 230 -3.38 21.96 -18.46
C ARG B 230 -2.08 22.37 -17.80
N TYR B 231 -1.81 23.67 -17.81
CA TYR B 231 -0.72 24.24 -17.04
C TYR B 231 -1.30 25.07 -15.90
N ARG B 232 -0.55 25.16 -14.79
CA ARG B 232 -1.02 25.94 -13.65
C ARG B 232 -1.02 27.44 -13.95
N PHE B 233 -0.09 27.91 -14.76
CA PHE B 233 0.05 29.33 -15.01
C PHE B 233 0.35 29.54 -16.49
N SER B 234 0.31 30.81 -16.90
CA SER B 234 0.66 31.20 -18.25
C SER B 234 2.15 30.97 -18.51
N LYS B 235 2.49 30.95 -19.80
CA LYS B 235 3.88 30.82 -20.20
C LYS B 235 4.76 31.88 -19.53
N GLU B 236 4.29 33.14 -19.52
CA GLU B 236 5.08 34.22 -18.95
C GLU B 236 5.32 34.02 -17.46
N MET B 237 4.30 33.60 -16.73
CA MET B 237 4.48 33.44 -15.28
C MET B 237 5.32 32.21 -14.96
N ILE B 238 5.22 31.17 -15.79
CA ILE B 238 6.11 30.02 -15.63
C ILE B 238 7.56 30.45 -15.79
N GLU B 239 7.84 31.26 -16.81
CA GLU B 239 9.18 31.82 -16.97
C GLU B 239 9.58 32.61 -15.73
N THR B 240 8.67 33.45 -15.23
CA THR B 240 8.96 34.25 -14.05
C THR B 240 9.21 33.37 -12.84
N LEU B 241 8.38 32.34 -12.66
CA LEU B 241 8.56 31.47 -11.50
C LEU B 241 9.92 30.78 -11.54
N LEU B 242 10.29 30.22 -12.71
CA LEU B 242 11.56 29.52 -12.82
C LEU B 242 12.76 30.41 -12.56
N ARG B 243 12.58 31.72 -12.60
CA ARG B 243 13.62 32.70 -12.38
C ARG B 243 13.63 33.21 -10.94
N VAL B 244 12.45 33.50 -10.37
CA VAL B 244 12.39 34.01 -9.01
C VAL B 244 12.78 32.91 -8.01
N LYS B 245 12.34 31.69 -8.25
CA LYS B 245 12.60 30.54 -7.38
C LYS B 245 12.26 30.88 -5.92
N TRP B 246 10.99 31.20 -5.67
CA TRP B 246 10.59 31.50 -4.30
C TRP B 246 10.82 30.31 -3.37
N TRP B 247 10.86 29.08 -3.91
CA TRP B 247 11.08 27.90 -3.08
C TRP B 247 12.48 27.87 -2.47
N ASP B 248 13.40 28.70 -2.93
CA ASP B 248 14.70 28.83 -2.28
C ASP B 248 14.73 29.99 -1.29
N TRP B 249 13.63 30.71 -1.14
CA TRP B 249 13.62 31.88 -0.26
C TRP B 249 13.86 31.47 1.19
N SER B 250 14.39 32.42 1.97
CA SER B 250 14.49 32.22 3.40
C SER B 250 13.12 32.34 4.06
N ILE B 251 13.04 31.88 5.31
CA ILE B 251 11.81 32.00 6.08
C ILE B 251 11.40 33.47 6.17
N GLU B 252 12.37 34.36 6.35
CA GLU B 252 12.08 35.80 6.40
C GLU B 252 11.44 36.28 5.11
N GLU B 253 11.99 35.87 3.97
CA GLU B 253 11.46 36.32 2.69
C GLU B 253 10.08 35.74 2.40
N ILE B 254 9.88 34.47 2.77
CA ILE B 254 8.57 33.85 2.57
C ILE B 254 7.48 34.67 3.25
N ASN B 255 7.68 35.04 4.52
CA ASN B 255 6.66 35.82 5.22
C ASN B 255 6.57 37.24 4.67
N GLU B 256 7.70 37.85 4.32
CA GLU B 256 7.65 39.20 3.79
C GLU B 256 6.85 39.28 2.50
N ASN B 257 6.90 38.22 1.69
CA ASN B 257 6.21 38.18 0.40
C ASN B 257 5.01 37.23 0.40
N VAL B 258 4.35 37.07 1.55
CA VAL B 258 3.22 36.15 1.63
C VAL B 258 2.12 36.54 0.63
N ASP B 259 1.92 37.84 0.43
CA ASP B 259 0.87 38.26 -0.50
C ASP B 259 1.18 37.85 -1.92
N ALA B 260 2.45 37.98 -2.33
CA ALA B 260 2.86 37.52 -3.65
C ALA B 260 2.75 36.00 -3.79
N LEU B 261 2.98 35.26 -2.71
CA LEU B 261 2.81 33.82 -2.77
C LEU B 261 1.33 33.44 -2.85
N ILE B 262 0.47 34.23 -2.22
CA ILE B 262 -0.92 33.81 -2.13
C ILE B 262 -1.71 34.20 -3.37
N SER B 263 -1.33 35.30 -4.03
CA SER B 263 -2.06 35.77 -5.21
C SER B 263 -1.12 35.76 -6.41
N PRO B 264 -1.34 34.90 -7.40
CA PRO B 264 -0.45 34.92 -8.59
C PRO B 264 -0.45 36.25 -9.30
N GLU B 265 -1.59 36.92 -9.38
CA GLU B 265 -1.62 38.24 -10.01
C GLU B 265 -0.63 39.20 -9.35
N LEU B 266 -0.58 39.21 -8.02
CA LEU B 266 0.40 40.04 -7.33
C LEU B 266 1.82 39.53 -7.55
N PHE B 267 1.98 38.22 -7.73
CA PHE B 267 3.32 37.69 -8.02
C PHE B 267 3.85 38.26 -9.34
N MET B 268 2.99 38.37 -10.36
CA MET B 268 3.43 38.90 -11.64
C MET B 268 3.62 40.41 -11.60
N LYS B 269 2.80 41.13 -10.84
CA LYS B 269 2.98 42.57 -10.77
C LYS B 269 4.28 42.95 -10.07
N LYS B 270 4.75 42.12 -9.14
CA LYS B 270 6.00 42.38 -8.45
C LYS B 270 7.21 41.80 -9.16
N TYR B 271 7.06 40.66 -9.82
CA TYR B 271 8.19 39.93 -10.39
C TYR B 271 8.14 39.76 -11.91
N GLY B 272 6.98 39.96 -12.53
CA GLY B 272 6.86 39.77 -13.97
C GLY B 272 7.76 40.66 -14.80
N SER B 273 8.37 41.69 -14.19
CA SER B 273 9.34 42.57 -14.85
C SER B 273 8.78 43.26 -16.09
N MET C 1 -13.25 9.52 19.12
CA MET C 1 -12.88 9.35 20.52
C MET C 1 -12.49 7.90 20.86
N LYS C 2 -13.50 7.06 21.12
CA LYS C 2 -13.24 5.68 21.47
C LYS C 2 -12.76 4.88 20.26
N THR C 3 -11.72 4.07 20.45
CA THR C 3 -11.31 3.17 19.39
C THR C 3 -12.39 2.12 19.14
N ARG C 4 -12.21 1.40 18.03
CA ARG C 4 -13.10 0.29 17.70
C ARG C 4 -13.08 -0.78 18.80
N LEU C 5 -11.88 -1.18 19.22
CA LEU C 5 -11.76 -2.18 20.29
C LEU C 5 -12.52 -1.75 21.53
N GLU C 6 -12.38 -0.49 21.94
CA GLU C 6 -13.04 -0.03 23.15
C GLU C 6 -14.56 -0.12 23.00
N GLN C 7 -15.10 0.26 21.84
CA GLN C 7 -16.53 0.12 21.63
C GLN C 7 -16.98 -1.33 21.69
N VAL C 8 -16.13 -2.25 21.22
CA VAL C 8 -16.50 -3.67 21.25
C VAL C 8 -16.42 -4.21 22.67
N LEU C 9 -15.31 -3.93 23.38
CA LEU C 9 -15.19 -4.37 24.76
C LEU C 9 -16.32 -3.82 25.63
N GLU C 10 -16.74 -2.58 25.37
CA GLU C 10 -17.85 -2.02 26.15
C GLU C 10 -19.12 -2.84 25.97
N ARG C 11 -19.26 -3.50 24.83
CA ARG C 11 -20.46 -4.22 24.51
C ARG C 11 -20.41 -5.69 24.90
N TYR C 12 -19.24 -6.32 24.78
CA TYR C 12 -19.15 -7.77 24.79
C TYR C 12 -18.23 -8.35 25.85
N LEU C 13 -17.45 -7.54 26.57
CA LEU C 13 -16.45 -8.12 27.46
C LEU C 13 -17.12 -8.94 28.56
N ASN C 14 -18.21 -8.41 29.12
CA ASN C 14 -19.08 -9.18 30.02
C ASN C 14 -18.37 -9.66 31.27
N GLY C 15 -17.56 -8.78 31.87
CA GLY C 15 -16.85 -9.12 33.09
C GLY C 15 -15.67 -10.06 32.91
N ARG C 16 -15.34 -10.45 31.69
CA ARG C 16 -14.18 -11.31 31.47
C ARG C 16 -12.90 -10.49 31.53
N GLU C 17 -11.77 -11.19 31.55
CA GLU C 17 -10.46 -10.58 31.43
C GLU C 17 -9.97 -10.62 29.99
N VAL C 18 -9.26 -9.59 29.58
CA VAL C 18 -8.73 -9.54 28.22
C VAL C 18 -7.44 -10.34 28.17
N ALA C 19 -7.36 -11.30 27.25
CA ALA C 19 -6.14 -12.06 26.99
C ALA C 19 -5.50 -11.52 25.72
N VAL C 20 -4.33 -10.90 25.85
CA VAL C 20 -3.68 -10.25 24.73
C VAL C 20 -2.82 -11.28 23.99
N TRP C 21 -3.05 -11.40 22.70
CA TRP C 21 -2.36 -12.35 21.82
C TRP C 21 -1.48 -11.55 20.88
N GLY C 22 -0.20 -11.47 21.19
CA GLY C 22 0.75 -10.70 20.41
C GLY C 22 1.50 -9.68 21.26
N VAL C 23 2.52 -9.10 20.65
CA VAL C 23 3.32 -8.09 21.34
C VAL C 23 2.46 -6.84 21.47
N PRO C 24 2.27 -6.32 22.68
CA PRO C 24 1.45 -5.11 22.83
C PRO C 24 2.20 -3.86 22.38
N THR C 25 1.43 -2.84 22.03
CA THR C 25 1.92 -1.55 21.57
C THR C 25 1.48 -0.47 22.55
N ARG C 26 2.05 0.73 22.37
CA ARG C 26 1.68 1.84 23.24
C ARG C 26 0.19 2.14 23.15
N ARG C 27 -0.34 2.17 21.92
CA ARG C 27 -1.74 2.55 21.75
C ARG C 27 -2.69 1.47 22.25
N LEU C 28 -2.29 0.20 22.18
CA LEU C 28 -3.12 -0.84 22.74
C LEU C 28 -3.20 -0.73 24.27
N LEU C 29 -2.07 -0.46 24.93
CA LEU C 29 -2.09 -0.37 26.38
C LEU C 29 -2.89 0.84 26.84
N ARG C 30 -2.90 1.92 26.04
CA ARG C 30 -3.78 3.04 26.34
C ARG C 30 -5.24 2.63 26.24
N ALA C 31 -5.59 1.83 25.23
CA ALA C 31 -6.99 1.44 25.04
C ALA C 31 -7.45 0.46 26.12
N LEU C 32 -6.53 -0.30 26.70
CA LEU C 32 -6.86 -1.37 27.63
C LEU C 32 -6.86 -0.93 29.09
N LYS C 33 -6.47 0.31 29.39
CA LYS C 33 -6.33 0.73 30.78
C LYS C 33 -7.60 0.55 31.61
N PRO C 34 -8.81 0.85 31.12
CA PRO C 34 -10.00 0.62 31.94
C PRO C 34 -10.29 -0.85 32.22
N PHE C 35 -9.56 -1.79 31.63
CA PHE C 35 -9.89 -3.20 31.74
C PHE C 35 -8.71 -3.98 32.29
N LYS C 36 -9.02 -5.08 32.98
CA LYS C 36 -7.99 -6.00 33.41
C LYS C 36 -7.54 -6.85 32.22
N PHE C 37 -6.23 -7.02 32.10
CA PHE C 37 -5.70 -7.76 30.97
C PHE C 37 -4.38 -8.41 31.37
N HIS C 38 -3.97 -9.39 30.58
CA HIS C 38 -2.76 -10.13 30.77
C HIS C 38 -2.33 -10.76 29.46
N THR C 39 -1.10 -11.26 29.42
CA THR C 39 -0.59 -11.92 28.23
C THR C 39 -1.24 -13.29 28.08
N ALA C 40 -1.78 -13.56 26.90
CA ALA C 40 -2.50 -14.80 26.69
C ALA C 40 -1.58 -16.00 26.83
N ASP C 41 -2.07 -17.05 27.48
CA ASP C 41 -1.41 -18.35 27.53
C ASP C 41 -2.45 -19.40 27.20
N ARG C 42 -3.09 -19.95 28.23
CA ARG C 42 -4.28 -20.75 28.05
C ARG C 42 -5.50 -19.84 28.08
N VAL C 43 -6.40 -19.99 27.11
CA VAL C 43 -7.56 -19.11 27.03
C VAL C 43 -8.82 -19.94 26.90
N ASP C 44 -9.93 -19.38 27.38
CA ASP C 44 -11.23 -20.02 27.50
C ASP C 44 -12.24 -18.89 27.36
N PRO C 45 -13.21 -19.00 26.45
CA PRO C 45 -14.12 -17.87 26.21
C PRO C 45 -15.07 -17.60 27.37
N GLN C 46 -15.22 -18.53 28.31
CA GLN C 46 -16.00 -18.23 29.51
C GLN C 46 -15.26 -17.28 30.43
N TYR C 47 -13.93 -17.25 30.34
CA TYR C 47 -13.10 -16.45 31.24
C TYR C 47 -12.40 -15.30 30.54
N HIS C 48 -12.14 -15.42 29.24
CA HIS C 48 -11.25 -14.50 28.54
C HIS C 48 -11.89 -13.94 27.28
N TYR C 49 -11.50 -12.73 26.95
CA TYR C 49 -11.76 -12.13 25.64
C TYR C 49 -10.40 -11.93 24.97
N VAL C 50 -10.20 -12.52 23.79
CA VAL C 50 -8.88 -12.53 23.17
C VAL C 50 -8.76 -11.31 22.27
N VAL C 51 -7.74 -10.49 22.51
CA VAL C 51 -7.42 -9.37 21.64
C VAL C 51 -6.13 -9.68 20.90
N ALA C 52 -6.25 -9.95 19.60
CA ALA C 52 -5.09 -10.06 18.73
C ALA C 52 -4.58 -8.67 18.40
N VAL C 53 -3.28 -8.45 18.59
CA VAL C 53 -2.72 -7.12 18.37
C VAL C 53 -2.74 -6.76 16.89
N THR C 54 -2.10 -7.59 16.06
CA THR C 54 -2.03 -7.34 14.63
C THR C 54 -2.83 -8.40 13.88
N ASP C 55 -3.05 -8.14 12.58
CA ASP C 55 -3.73 -9.12 11.74
C ASP C 55 -2.96 -10.44 11.72
N ASP C 56 -1.63 -10.36 11.73
CA ASP C 56 -0.81 -11.57 11.80
C ASP C 56 -1.06 -12.33 13.09
N ASP C 57 -1.23 -11.60 14.20
CA ASP C 57 -1.51 -12.27 15.46
C ASP C 57 -2.82 -13.02 15.41
N LEU C 58 -3.85 -12.42 14.79
CA LEU C 58 -5.14 -13.10 14.66
C LEU C 58 -5.00 -14.40 13.87
N THR C 59 -4.28 -14.35 12.76
CA THR C 59 -4.03 -15.56 11.98
C THR C 59 -3.44 -16.65 12.85
N ASP C 60 -2.46 -16.30 13.69
CA ASP C 60 -1.89 -17.29 14.58
C ASP C 60 -2.92 -17.78 15.60
N PHE C 61 -3.73 -16.86 16.14
CA PHE C 61 -4.74 -17.25 17.12
C PHE C 61 -5.73 -18.23 16.51
N LEU C 62 -6.26 -17.90 15.32
CA LEU C 62 -7.29 -18.75 14.73
C LEU C 62 -6.74 -20.07 14.23
N SER C 63 -5.43 -20.19 14.10
CA SER C 63 -4.81 -21.48 13.79
C SER C 63 -4.64 -22.36 15.03
N ASP C 64 -4.79 -21.79 16.22
CA ASP C 64 -4.63 -22.54 17.46
C ASP C 64 -5.98 -23.14 17.87
N GLU C 65 -5.94 -24.42 18.25
CA GLU C 65 -7.18 -25.12 18.59
C GLU C 65 -7.92 -24.48 19.76
N GLN C 66 -7.22 -23.66 20.56
CA GLN C 66 -7.89 -22.94 21.65
C GLN C 66 -8.93 -21.95 21.15
N SER C 67 -8.88 -21.57 19.87
CA SER C 67 -9.71 -20.49 19.36
C SER C 67 -11.08 -20.93 18.89
N LYS C 68 -11.27 -22.22 18.61
CA LYS C 68 -12.46 -22.63 17.88
C LYS C 68 -13.74 -22.54 18.71
N SER C 69 -13.64 -22.21 20.00
CA SER C 69 -14.81 -21.84 20.78
C SER C 69 -15.07 -20.33 20.76
N PHE C 70 -14.16 -19.55 20.18
CA PHE C 70 -14.22 -18.10 20.22
C PHE C 70 -14.96 -17.54 19.00
N GLN C 71 -15.97 -16.72 19.25
CA GLN C 71 -16.77 -16.11 18.21
C GLN C 71 -16.21 -14.73 17.86
N TYR C 72 -16.30 -14.38 16.58
CA TYR C 72 -15.79 -13.08 16.14
C TYR C 72 -16.58 -11.95 16.78
N ALA C 73 -15.86 -10.92 17.23
CA ALA C 73 -16.39 -9.74 17.89
C ALA C 73 -16.91 -10.05 19.29
N ASN C 74 -17.76 -11.07 19.41
CA ASN C 74 -18.32 -11.41 20.73
C ASN C 74 -17.24 -11.87 21.69
N ASP C 75 -16.23 -12.58 21.19
CA ASP C 75 -15.19 -13.16 22.05
C ASP C 75 -13.77 -12.83 21.63
N TYR C 76 -13.56 -12.22 20.46
CA TYR C 76 -12.22 -11.83 20.03
C TYR C 76 -12.30 -10.72 19.01
N LEU C 77 -11.20 -9.96 18.92
CA LEU C 77 -11.06 -8.86 17.97
C LEU C 77 -9.58 -8.66 17.68
N THR C 78 -9.30 -7.99 16.55
CA THR C 78 -7.96 -7.52 16.23
C THR C 78 -7.88 -6.04 16.59
N PHE C 79 -6.85 -5.65 17.34
CA PHE C 79 -6.75 -4.26 17.75
C PHE C 79 -6.44 -3.35 16.55
N ASP C 80 -5.46 -3.72 15.73
CA ASP C 80 -5.07 -2.89 14.59
C ASP C 80 -5.97 -3.18 13.40
N ASP C 81 -7.25 -2.82 13.55
CA ASP C 81 -8.25 -3.11 12.53
C ASP C 81 -9.40 -2.09 12.65
N GLU C 82 -9.06 -0.81 12.71
CA GLU C 82 -10.07 0.21 12.97
C GLU C 82 -11.14 0.24 11.88
N GLY C 83 -10.80 -0.19 10.67
CA GLY C 83 -11.80 -0.28 9.61
C GLY C 83 -12.59 -1.57 9.58
N GLY C 84 -12.37 -2.49 10.52
CA GLY C 84 -12.97 -3.81 10.41
C GLY C 84 -14.46 -3.83 10.68
N GLU C 85 -15.14 -4.79 10.08
CA GLU C 85 -16.59 -4.91 10.16
C GLU C 85 -17.03 -5.36 11.54
N LEU C 86 -18.23 -4.95 11.92
CA LEU C 86 -18.82 -5.34 13.20
C LEU C 86 -20.30 -5.59 13.00
N PRO C 87 -20.91 -6.42 13.86
CA PRO C 87 -22.36 -6.69 13.74
C PRO C 87 -23.25 -5.56 14.25
N PHE C 88 -22.68 -4.48 14.79
CA PHE C 88 -23.47 -3.34 15.22
C PHE C 88 -22.88 -2.07 14.62
N GLU C 89 -23.72 -1.04 14.57
CA GLU C 89 -23.27 0.26 14.08
C GLU C 89 -22.32 0.88 15.08
N ARG C 90 -21.22 1.45 14.57
CA ARG C 90 -20.11 1.89 15.40
C ARG C 90 -19.73 3.33 15.04
N MET C 91 -18.73 3.85 15.76
CA MET C 91 -18.10 5.12 15.44
C MET C 91 -16.66 4.89 15.02
N CYS C 92 -16.22 5.68 14.03
CA CYS C 92 -14.81 5.73 13.60
C CYS C 92 -14.45 7.21 13.59
N PHE C 93 -13.70 7.66 14.60
CA PHE C 93 -13.37 9.08 14.78
C PHE C 93 -14.62 9.96 14.65
N ASN C 94 -15.68 9.57 15.34
CA ASN C 94 -16.96 10.29 15.33
C ASN C 94 -17.65 10.26 13.97
N VAL C 95 -17.27 9.35 13.09
CA VAL C 95 -18.01 9.10 11.85
C VAL C 95 -18.87 7.86 12.06
N PRO C 96 -20.19 7.96 11.95
CA PRO C 96 -21.03 6.75 12.07
C PRO C 96 -20.75 5.77 10.95
N VAL C 97 -20.66 4.49 11.32
CA VAL C 97 -20.38 3.41 10.37
C VAL C 97 -21.42 2.32 10.59
N GLY C 98 -22.04 1.83 9.50
CA GLY C 98 -23.12 0.88 9.58
C GLY C 98 -22.66 -0.56 9.81
N ARG C 99 -23.64 -1.44 9.95
CA ARG C 99 -23.35 -2.83 10.24
C ARG C 99 -22.65 -3.51 9.07
N GLN C 100 -21.74 -4.43 9.39
CA GLN C 100 -21.06 -5.25 8.40
C GLN C 100 -20.40 -4.40 7.32
N THR C 101 -19.82 -3.28 7.71
CA THR C 101 -19.12 -2.40 6.80
C THR C 101 -17.65 -2.38 7.16
N TYR C 102 -16.78 -2.49 6.14
CA TYR C 102 -15.35 -2.52 6.34
C TYR C 102 -14.62 -1.61 5.36
N PHE C 103 -13.47 -1.13 5.79
CA PHE C 103 -12.62 -0.31 4.95
C PHE C 103 -11.22 -0.37 5.54
N GLY C 104 -10.26 0.20 4.81
CA GLY C 104 -8.87 0.13 5.19
C GLY C 104 -8.32 1.43 5.75
N ASP C 105 -7.00 1.47 5.90
CA ASP C 105 -6.35 2.54 6.65
C ASP C 105 -6.49 3.89 5.97
N GLY C 106 -6.59 3.92 4.64
CA GLY C 106 -6.81 5.18 3.95
C GLY C 106 -8.14 5.81 4.30
N VAL C 107 -9.19 4.99 4.38
CA VAL C 107 -10.52 5.50 4.71
C VAL C 107 -10.59 5.88 6.19
N VAL C 108 -9.93 5.10 7.05
CA VAL C 108 -9.82 5.44 8.47
C VAL C 108 -9.20 6.83 8.62
N GLY C 109 -8.12 7.08 7.88
CA GLY C 109 -7.50 8.39 7.93
C GLY C 109 -8.44 9.51 7.50
N ALA C 110 -9.25 9.25 6.47
CA ALA C 110 -10.17 10.28 5.99
C ALA C 110 -11.25 10.57 7.02
N CYS C 111 -11.69 9.54 7.76
CA CYS C 111 -12.60 9.78 8.88
C CYS C 111 -11.99 10.72 9.91
N GLU C 112 -10.72 10.47 10.29
CA GLU C 112 -10.02 11.32 11.25
C GLU C 112 -9.87 12.75 10.73
N ASN C 113 -9.72 12.91 9.42
CA ASN C 113 -9.53 14.24 8.83
C ASN C 113 -10.83 15.04 8.72
N GLY C 114 -11.98 14.45 9.07
CA GLY C 114 -13.23 15.15 8.87
C GLY C 114 -13.72 15.12 7.44
N TYR C 115 -13.21 14.23 6.60
CA TYR C 115 -13.59 14.20 5.19
C TYR C 115 -14.89 13.44 4.96
N ILE C 116 -15.35 12.66 5.93
CA ILE C 116 -16.45 11.74 5.73
C ILE C 116 -17.54 12.02 6.75
N LYS C 117 -18.78 12.20 6.26
CA LYS C 117 -19.90 12.43 7.16
C LYS C 117 -20.36 11.12 7.79
N SER C 118 -20.52 10.08 6.99
CA SER C 118 -21.01 8.79 7.48
C SER C 118 -20.73 7.74 6.43
N ILE C 119 -20.64 6.49 6.88
CA ILE C 119 -20.52 5.34 5.99
C ILE C 119 -21.69 4.41 6.26
N GLY C 120 -22.35 3.97 5.20
CA GLY C 120 -23.59 3.23 5.28
C GLY C 120 -23.41 1.79 5.75
N GLN C 121 -24.51 1.03 5.63
CA GLN C 121 -24.54 -0.35 6.09
C GLN C 121 -24.16 -1.30 4.97
N PHE C 122 -23.56 -2.43 5.33
CA PHE C 122 -23.21 -3.46 4.37
C PHE C 122 -22.40 -2.90 3.22
N THR C 123 -21.38 -2.11 3.54
CA THR C 123 -20.56 -1.48 2.53
C THR C 123 -19.15 -2.04 2.57
N SER C 124 -18.58 -2.28 1.39
CA SER C 124 -17.37 -3.10 1.25
C SER C 124 -16.30 -2.30 0.51
N ILE C 125 -15.27 -1.85 1.23
CA ILE C 125 -14.27 -0.97 0.67
C ILE C 125 -12.92 -1.64 0.76
N ASN C 126 -12.33 -1.90 -0.39
CA ASN C 126 -11.02 -2.53 -0.44
C ASN C 126 -10.00 -1.75 0.38
N GLY C 127 -9.09 -2.48 1.01
CA GLY C 127 -8.12 -1.90 1.93
C GLY C 127 -7.14 -0.94 1.30
N THR C 128 -6.94 -0.98 -0.02
CA THR C 128 -6.02 -0.06 -0.69
C THR C 128 -6.72 1.17 -1.26
N ALA C 129 -8.03 1.33 -1.02
CA ALA C 129 -8.70 2.55 -1.46
C ALA C 129 -8.19 3.75 -0.68
N GLU C 130 -8.17 4.92 -1.35
CA GLU C 130 -7.63 6.13 -0.74
C GLU C 130 -8.63 7.26 -0.93
N ILE C 131 -8.65 8.18 0.04
CA ILE C 131 -9.54 9.33 0.02
C ILE C 131 -8.69 10.50 0.51
N HIS C 132 -8.42 11.47 -0.38
CA HIS C 132 -7.67 12.67 -0.05
CA HIS C 132 -7.77 12.69 0.06
C HIS C 132 -8.33 13.87 -0.72
N ALA C 133 -8.13 15.05 -0.16
CA ALA C 133 -8.61 16.29 -0.74
C ALA C 133 -7.52 16.89 -1.64
N ASN C 134 -7.87 17.98 -2.31
CA ASN C 134 -6.91 18.74 -3.10
C ASN C 134 -6.28 19.81 -2.23
N HIS C 135 -5.02 20.13 -2.50
CA HIS C 135 -4.45 21.37 -2.01
C HIS C 135 -5.06 22.54 -2.76
N GLN C 136 -4.81 23.76 -2.26
CA GLN C 136 -5.21 24.95 -3.00
C GLN C 136 -4.56 24.96 -4.37
N LEU C 137 -5.34 25.42 -5.36
CA LEU C 137 -4.89 25.51 -6.74
C LEU C 137 -5.04 26.92 -7.29
N ASN C 138 -5.40 27.90 -6.45
CA ASN C 138 -5.56 29.27 -6.90
C ASN C 138 -4.53 30.20 -6.26
N MET C 139 -3.44 29.64 -5.74
CA MET C 139 -2.33 30.42 -5.24
C MET C 139 -1.10 30.18 -6.12
N THR C 140 -0.03 30.91 -5.81
CA THR C 140 1.21 30.71 -6.55
C THR C 140 1.81 29.33 -6.28
N PHE C 141 1.64 28.81 -5.05
CA PHE C 141 2.18 27.53 -4.61
C PHE C 141 1.07 26.50 -4.40
N VAL C 142 1.45 25.23 -4.52
CA VAL C 142 0.54 24.11 -4.24
C VAL C 142 0.90 23.38 -2.97
N SER C 143 2.08 23.63 -2.42
CA SER C 143 2.54 23.04 -1.16
C SER C 143 1.57 23.30 -0.01
N ASP C 144 1.44 22.33 0.89
CA ASP C 144 0.76 22.61 2.15
C ASP C 144 1.74 22.95 3.27
N ASP C 145 2.89 22.27 3.33
CA ASP C 145 3.75 22.41 4.49
C ASP C 145 4.62 23.66 4.47
N ILE C 146 4.58 24.44 3.38
CA ILE C 146 5.14 25.80 3.44
C ILE C 146 4.51 26.58 4.60
N GLN C 147 3.24 26.29 4.91
CA GLN C 147 2.59 26.99 6.02
C GLN C 147 3.30 26.77 7.34
N ASN C 148 4.12 25.72 7.46
CA ASN C 148 4.92 25.53 8.67
C ASN C 148 5.91 26.68 8.90
N PHE C 149 6.28 27.42 7.86
CA PHE C 149 7.12 28.60 7.99
C PHE C 149 6.30 29.89 8.13
N PHE C 150 4.97 29.84 8.09
CA PHE C 150 4.17 31.05 8.15
C PHE C 150 4.05 31.54 9.59
N ASN C 151 4.39 32.79 9.82
CA ASN C 151 4.16 33.37 11.13
C ASN C 151 2.66 33.58 11.30
N GLU C 152 2.29 34.26 12.38
CA GLU C 152 0.89 34.47 12.70
C GLU C 152 0.18 35.21 11.56
N GLU C 153 0.80 36.29 11.07
CA GLU C 153 0.19 37.12 10.06
C GLU C 153 0.00 36.37 8.75
N SER C 154 1.03 35.63 8.32
CA SER C 154 0.94 34.92 7.06
C SER C 154 -0.06 33.78 7.11
N MET C 155 -0.14 33.08 8.25
CA MET C 155 -1.12 32.02 8.37
C MET C 155 -2.53 32.57 8.25
N ALA C 156 -2.79 33.72 8.87
CA ALA C 156 -4.12 34.33 8.80
C ALA C 156 -4.49 34.66 7.37
N VAL C 157 -3.55 35.20 6.59
CA VAL C 157 -3.82 35.54 5.20
C VAL C 157 -4.07 34.28 4.37
N PHE C 158 -3.33 33.22 4.65
CA PHE C 158 -3.47 31.97 3.91
C PHE C 158 -4.80 31.30 4.23
N GLN C 159 -5.16 31.27 5.51
CA GLN C 159 -6.40 30.62 5.92
C GLN C 159 -7.62 31.36 5.43
N GLU C 160 -7.58 32.71 5.38
CA GLU C 160 -8.77 33.43 4.91
C GLU C 160 -9.03 33.16 3.44
N LYS C 161 -7.98 32.99 2.63
CA LYS C 161 -8.21 32.70 1.22
C LYS C 161 -8.70 31.25 1.02
N LEU C 162 -8.18 30.31 1.80
CA LEU C 162 -8.66 28.94 1.72
C LEU C 162 -10.16 28.87 2.02
N ARG C 163 -10.64 29.68 2.97
CA ARG C 163 -12.01 29.56 3.45
C ARG C 163 -13.04 30.04 2.43
N LYS C 164 -12.65 30.95 1.54
CA LYS C 164 -13.57 31.44 0.51
C LYS C 164 -13.32 30.79 -0.85
N ASP C 165 -12.45 29.79 -0.92
CA ASP C 165 -12.14 29.13 -2.18
C ASP C 165 -13.27 28.20 -2.58
N PRO C 166 -13.98 28.45 -3.69
CA PRO C 166 -15.13 27.61 -4.04
C PRO C 166 -14.78 26.18 -4.40
N LYS C 167 -13.49 25.87 -4.58
CA LYS C 167 -13.07 24.51 -4.93
C LYS C 167 -12.74 23.66 -3.71
N HIS C 168 -12.97 24.17 -2.50
CA HIS C 168 -12.82 23.41 -1.27
C HIS C 168 -11.45 22.72 -1.12
N PRO C 169 -10.35 23.47 -1.20
CA PRO C 169 -9.06 22.89 -0.82
C PRO C 169 -9.15 22.35 0.60
N TYR C 170 -8.49 21.22 0.83
CA TYR C 170 -8.47 20.55 2.14
C TYR C 170 -9.89 20.29 2.64
N ALA C 171 -10.82 20.18 1.70
CA ALA C 171 -12.24 19.98 2.00
C ALA C 171 -12.83 21.13 2.82
N TYR C 172 -12.24 22.33 2.71
CA TYR C 172 -12.82 23.48 3.39
C TYR C 172 -14.20 23.79 2.83
N SER C 173 -15.06 24.30 3.72
CA SER C 173 -16.35 24.92 3.38
C SER C 173 -17.22 24.04 2.47
N LYS C 174 -17.13 22.72 2.63
CA LYS C 174 -18.02 21.80 1.95
C LYS C 174 -18.59 20.83 2.98
N GLU C 175 -19.65 20.14 2.59
CA GLU C 175 -20.15 19.09 3.47
C GLU C 175 -19.25 17.86 3.36
N PRO C 176 -18.94 17.20 4.48
CA PRO C 176 -18.18 15.95 4.39
C PRO C 176 -18.96 14.89 3.63
N MET C 177 -18.21 13.94 3.06
CA MET C 177 -18.76 12.91 2.19
C MET C 177 -19.70 11.97 2.93
N THR C 178 -20.83 11.65 2.30
CA THR C 178 -21.59 10.46 2.70
C THR C 178 -21.24 9.31 1.76
N ILE C 179 -20.91 8.16 2.33
CA ILE C 179 -20.79 6.93 1.57
C ILE C 179 -22.00 6.07 1.90
N GLY C 180 -22.70 5.62 0.88
CA GLY C 180 -23.97 4.98 1.07
C GLY C 180 -23.83 3.58 1.62
N SER C 181 -24.97 2.89 1.59
CA SER C 181 -25.17 1.52 1.99
C SER C 181 -25.04 0.63 0.75
N ASP C 182 -24.68 -0.64 0.96
CA ASP C 182 -24.54 -1.61 -0.13
C ASP C 182 -23.61 -1.08 -1.22
N VAL C 183 -22.54 -0.40 -0.81
CA VAL C 183 -21.55 0.16 -1.72
C VAL C 183 -20.35 -0.78 -1.83
N TYR C 184 -19.74 -0.84 -3.01
CA TYR C 184 -18.50 -1.58 -3.21
C TYR C 184 -17.44 -0.64 -3.80
N ILE C 185 -16.24 -0.68 -3.22
CA ILE C 185 -15.09 0.05 -3.75
C ILE C 185 -13.91 -0.92 -3.87
N GLY C 186 -13.36 -1.05 -5.08
CA GLY C 186 -12.30 -1.99 -5.35
C GLY C 186 -10.90 -1.41 -5.11
N ALA C 187 -9.90 -2.26 -5.37
CA ALA C 187 -8.50 -1.94 -5.07
C ALA C 187 -8.01 -0.70 -5.81
N HIS C 188 -7.16 0.08 -5.14
CA HIS C 188 -6.47 1.24 -5.71
C HIS C 188 -7.43 2.31 -6.18
N ALA C 189 -8.69 2.25 -5.75
CA ALA C 189 -9.63 3.30 -6.08
C ALA C 189 -9.28 4.56 -5.31
N PHE C 190 -9.73 5.70 -5.82
CA PHE C 190 -9.48 6.98 -5.19
C PHE C 190 -10.75 7.84 -5.26
N ILE C 191 -11.05 8.53 -4.18
CA ILE C 191 -12.17 9.47 -4.13
C ILE C 191 -11.64 10.81 -3.66
N ASN C 192 -11.94 11.87 -4.40
CA ASN C 192 -11.42 13.20 -4.11
C ASN C 192 -12.32 13.87 -3.08
N ALA C 193 -11.78 14.11 -1.88
CA ALA C 193 -12.57 14.69 -0.80
C ALA C 193 -12.91 16.16 -1.06
N SER C 194 -12.18 16.85 -1.95
CA SER C 194 -12.59 18.23 -2.26
C SER C 194 -13.81 18.32 -3.16
N THR C 195 -13.99 17.39 -4.08
CA THR C 195 -15.02 17.57 -5.11
C THR C 195 -16.18 16.58 -5.01
N VAL C 196 -16.16 15.65 -4.07
CA VAL C 196 -17.20 14.62 -3.94
C VAL C 196 -17.90 14.81 -2.60
N THR C 197 -19.24 14.89 -2.63
CA THR C 197 -20.00 14.95 -1.40
C THR C 197 -20.84 13.70 -1.14
N SER C 198 -20.97 12.80 -2.11
CA SER C 198 -21.82 11.64 -1.91
C SER C 198 -21.40 10.50 -2.82
N ILE C 199 -21.32 9.32 -2.26
CA ILE C 199 -21.30 8.06 -2.99
C ILE C 199 -22.65 7.43 -2.70
N GLY C 200 -23.51 7.37 -3.72
CA GLY C 200 -24.88 6.95 -3.50
C GLY C 200 -24.97 5.52 -3.01
N ASP C 201 -26.07 5.23 -2.32
CA ASP C 201 -26.35 3.86 -1.92
C ASP C 201 -26.22 2.94 -3.13
N GLY C 202 -25.57 1.80 -2.92
CA GLY C 202 -25.48 0.82 -3.98
C GLY C 202 -24.45 1.09 -5.04
N ALA C 203 -23.72 2.21 -4.98
CA ALA C 203 -22.72 2.51 -5.98
C ALA C 203 -21.59 1.49 -5.93
N ILE C 204 -21.06 1.14 -7.11
CA ILE C 204 -19.90 0.28 -7.25
C ILE C 204 -18.79 1.10 -7.91
N ILE C 205 -17.64 1.18 -7.26
CA ILE C 205 -16.48 1.88 -7.79
C ILE C 205 -15.43 0.82 -8.14
N GLY C 206 -15.13 0.69 -9.43
CA GLY C 206 -14.21 -0.34 -9.88
C GLY C 206 -12.77 -0.13 -9.42
N SER C 207 -12.00 -1.22 -9.41
CA SER C 207 -10.59 -1.10 -9.02
C SER C 207 -9.85 -0.13 -9.94
N GLY C 208 -8.99 0.69 -9.35
CA GLY C 208 -8.27 1.70 -10.10
C GLY C 208 -9.07 2.94 -10.46
N ALA C 209 -10.36 2.98 -10.17
CA ALA C 209 -11.17 4.14 -10.55
C ALA C 209 -10.72 5.37 -9.78
N VAL C 210 -10.73 6.51 -10.45
CA VAL C 210 -10.37 7.78 -9.84
C VAL C 210 -11.61 8.66 -9.86
N VAL C 211 -12.27 8.76 -8.70
CA VAL C 211 -13.60 9.37 -8.60
C VAL C 211 -13.45 10.85 -8.25
N LEU C 212 -13.87 11.72 -9.17
CA LEU C 212 -13.74 13.17 -8.99
C LEU C 212 -15.06 13.89 -8.83
N GLU C 213 -16.19 13.19 -8.96
CA GLU C 213 -17.51 13.78 -8.86
C GLU C 213 -18.42 12.78 -8.17
N ASN C 214 -19.54 13.28 -7.66
CA ASN C 214 -20.51 12.44 -6.97
C ASN C 214 -20.91 11.26 -7.84
N VAL C 215 -21.13 10.12 -7.20
CA VAL C 215 -21.60 8.91 -7.86
C VAL C 215 -23.07 8.70 -7.51
N PRO C 216 -23.96 8.67 -8.50
CA PRO C 216 -25.39 8.47 -8.23
C PRO C 216 -25.64 7.10 -7.63
N PRO C 217 -26.73 6.94 -6.86
CA PRO C 217 -27.08 5.62 -6.34
C PRO C 217 -27.11 4.55 -7.41
N PHE C 218 -26.53 3.40 -7.08
CA PHE C 218 -26.49 2.17 -7.89
C PHE C 218 -25.79 2.34 -9.22
N ALA C 219 -25.02 3.41 -9.40
CA ALA C 219 -24.17 3.54 -10.58
C ALA C 219 -22.87 2.76 -10.39
N VAL C 220 -22.36 2.21 -11.49
CA VAL C 220 -21.06 1.54 -11.55
C VAL C 220 -20.10 2.43 -12.33
N VAL C 221 -19.05 2.90 -11.66
CA VAL C 221 -18.08 3.82 -12.26
C VAL C 221 -16.71 3.15 -12.36
N VAL C 222 -15.99 3.47 -13.43
CA VAL C 222 -14.70 2.84 -13.74
C VAL C 222 -13.82 3.88 -14.41
N GLY C 223 -12.51 3.62 -14.43
CA GLY C 223 -11.59 4.36 -15.27
C GLY C 223 -10.90 5.53 -14.58
N VAL C 224 -10.06 6.20 -15.37
CA VAL C 224 -9.29 7.35 -14.90
C VAL C 224 -9.47 8.51 -15.88
N PRO C 225 -10.29 9.52 -15.57
CA PRO C 225 -11.11 9.63 -14.36
C PRO C 225 -12.31 8.70 -14.43
N ALA C 226 -12.97 8.48 -13.29
CA ALA C 226 -14.09 7.55 -13.23
C ALA C 226 -15.28 8.10 -14.01
N ARG C 227 -15.88 7.25 -14.84
CA ARG C 227 -17.13 7.58 -15.52
C ARG C 227 -18.11 6.42 -15.34
N ILE C 228 -19.40 6.73 -15.41
CA ILE C 228 -20.42 5.71 -15.24
C ILE C 228 -20.33 4.71 -16.38
N LYS C 229 -20.27 3.42 -16.04
CA LYS C 229 -20.29 2.36 -17.04
C LYS C 229 -21.69 1.80 -17.23
N ARG C 230 -22.45 1.67 -16.15
CA ARG C 230 -23.77 1.07 -16.20
C ARG C 230 -24.44 1.35 -14.85
N TYR C 231 -25.73 1.06 -14.79
CA TYR C 231 -26.49 1.09 -13.54
C TYR C 231 -26.85 -0.33 -13.15
N ARG C 232 -26.85 -0.61 -11.84
CA ARG C 232 -27.13 -1.95 -11.38
C ARG C 232 -28.56 -2.38 -11.69
N PHE C 233 -29.51 -1.45 -11.67
CA PHE C 233 -30.93 -1.79 -11.81
C PHE C 233 -31.64 -0.72 -12.63
N SER C 234 -32.85 -1.07 -13.06
CA SER C 234 -33.73 -0.12 -13.73
C SER C 234 -34.01 1.08 -12.84
N LYS C 235 -34.47 2.17 -13.46
CA LYS C 235 -34.78 3.37 -12.68
C LYS C 235 -35.89 3.11 -11.67
N GLU C 236 -36.90 2.33 -12.06
CA GLU C 236 -37.99 2.01 -11.14
C GLU C 236 -37.47 1.24 -9.94
N MET C 237 -36.60 0.25 -10.16
CA MET C 237 -36.12 -0.54 -9.03
C MET C 237 -35.25 0.30 -8.12
N ILE C 238 -34.43 1.18 -8.70
CA ILE C 238 -33.62 2.08 -7.87
C ILE C 238 -34.51 2.94 -6.98
N GLU C 239 -35.57 3.51 -7.55
CA GLU C 239 -36.54 4.24 -6.74
C GLU C 239 -37.08 3.37 -5.61
N THR C 240 -37.50 2.14 -5.93
CA THR C 240 -38.01 1.24 -4.91
C THR C 240 -36.98 0.98 -3.83
N LEU C 241 -35.72 0.72 -4.23
CA LEU C 241 -34.68 0.42 -3.27
C LEU C 241 -34.45 1.59 -2.31
N LEU C 242 -34.36 2.81 -2.85
CA LEU C 242 -34.15 3.95 -1.99
C LEU C 242 -35.34 4.20 -1.05
N ARG C 243 -36.49 3.60 -1.34
CA ARG C 243 -37.65 3.69 -0.45
C ARG C 243 -37.62 2.62 0.64
N VAL C 244 -37.32 1.38 0.26
CA VAL C 244 -37.42 0.26 1.21
C VAL C 244 -36.27 0.32 2.20
N LYS C 245 -35.08 0.69 1.75
CA LYS C 245 -33.86 0.70 2.57
C LYS C 245 -33.71 -0.62 3.33
N TRP C 246 -33.58 -1.71 2.58
CA TRP C 246 -33.37 -3.01 3.20
C TRP C 246 -32.15 -3.01 4.11
N TRP C 247 -31.17 -2.13 3.86
CA TRP C 247 -29.96 -2.10 4.67
C TRP C 247 -30.20 -1.62 6.09
N ASP C 248 -31.37 -1.04 6.38
CA ASP C 248 -31.77 -0.73 7.74
C ASP C 248 -32.61 -1.85 8.37
N TRP C 249 -32.82 -2.94 7.64
CA TRP C 249 -33.66 -4.02 8.15
C TRP C 249 -33.02 -4.67 9.37
N SER C 250 -33.89 -5.13 10.27
CA SER C 250 -33.45 -6.00 11.35
C SER C 250 -32.85 -7.28 10.78
N ILE C 251 -32.03 -7.95 11.60
CA ILE C 251 -31.49 -9.25 11.20
C ILE C 251 -32.63 -10.23 10.93
N GLU C 252 -33.69 -10.15 11.74
CA GLU C 252 -34.86 -10.98 11.48
C GLU C 252 -35.44 -10.68 10.12
N GLU C 253 -35.57 -9.39 9.79
CA GLU C 253 -36.15 -9.00 8.51
C GLU C 253 -35.29 -9.46 7.34
N ILE C 254 -33.96 -9.43 7.52
CA ILE C 254 -33.05 -9.84 6.46
C ILE C 254 -33.25 -11.31 6.11
N ASN C 255 -33.36 -12.16 7.15
CA ASN C 255 -33.54 -13.59 6.89
C ASN C 255 -34.94 -13.90 6.36
N GLU C 256 -35.96 -13.22 6.89
CA GLU C 256 -37.33 -13.48 6.46
C GLU C 256 -37.50 -13.22 4.98
N ASN C 257 -36.92 -12.14 4.47
CA ASN C 257 -37.02 -11.76 3.07
C ASN C 257 -35.75 -12.07 2.29
N VAL C 258 -35.00 -13.10 2.70
CA VAL C 258 -33.78 -13.42 1.97
C VAL C 258 -34.08 -13.75 0.52
N ASP C 259 -35.25 -14.32 0.24
CA ASP C 259 -35.61 -14.63 -1.14
C ASP C 259 -35.60 -13.37 -2.00
N ALA C 260 -36.13 -12.26 -1.46
CA ALA C 260 -36.12 -11.01 -2.21
C ALA C 260 -34.72 -10.42 -2.31
N LEU C 261 -33.87 -10.68 -1.32
CA LEU C 261 -32.53 -10.13 -1.36
C LEU C 261 -31.70 -10.79 -2.46
N ILE C 262 -31.89 -12.08 -2.69
CA ILE C 262 -31.08 -12.77 -3.69
C ILE C 262 -31.66 -12.63 -5.10
N SER C 263 -32.97 -12.41 -5.22
CA SER C 263 -33.61 -12.27 -6.54
C SER C 263 -34.19 -10.88 -6.70
N PRO C 264 -33.54 -10.01 -7.48
CA PRO C 264 -34.08 -8.67 -7.72
C PRO C 264 -35.47 -8.68 -8.34
N GLU C 265 -35.83 -9.72 -9.10
CA GLU C 265 -37.18 -9.74 -9.62
C GLU C 265 -38.20 -10.03 -8.52
N LEU C 266 -37.84 -10.85 -7.53
CA LEU C 266 -38.73 -11.03 -6.38
C LEU C 266 -38.82 -9.76 -5.56
N PHE C 267 -37.73 -9.02 -5.44
CA PHE C 267 -37.74 -7.76 -4.70
C PHE C 267 -38.78 -6.81 -5.29
N MET C 268 -38.76 -6.65 -6.62
CA MET C 268 -39.71 -5.74 -7.25
C MET C 268 -41.14 -6.27 -7.20
N LYS C 269 -41.32 -7.59 -7.23
CA LYS C 269 -42.67 -8.13 -7.07
C LYS C 269 -43.20 -7.86 -5.66
N LYS C 270 -42.36 -8.00 -4.66
CA LYS C 270 -42.85 -7.84 -3.29
C LYS C 270 -42.94 -6.37 -2.89
N TYR C 271 -41.98 -5.53 -3.29
CA TYR C 271 -41.95 -4.14 -2.84
C TYR C 271 -42.18 -3.11 -3.92
N GLY C 272 -42.24 -3.50 -5.19
CA GLY C 272 -42.32 -2.53 -6.26
C GLY C 272 -43.74 -2.13 -6.65
CA1 AM2 D . -12.74 -9.32 0.97
CA2 AM2 D . -13.54 -9.43 -0.35
CA3 AM2 D . -14.58 -10.55 -0.35
CA4 AM2 D . -13.98 -11.86 0.08
CA5 AM2 D . -13.21 -11.72 1.43
CA6 AM2 D . -12.65 -13.01 1.89
CA7 AM2 D . -13.78 -14.07 2.00
CA8 AM2 D . -14.59 -14.24 0.70
CA9 AM2 D . -12.56 -15.22 3.74
OA4 AM2 D . -12.15 -10.67 1.31
OA5 AM2 D . -15.05 -12.91 0.17
NA2 AM2 D . -14.24 -8.18 -0.56
NA7 AM2 D . -13.24 -15.36 2.43
OA6 AM2 D . -11.69 -13.47 0.94
OA8 AM2 D . -15.70 -14.97 0.98
OA1 AM2 D . -13.54 -8.85 2.01
CB1 AM2 D . -16.25 -15.56 -0.12
CB2 AM2 D . -17.74 -15.79 0.13
CB3 AM2 D . -17.97 -16.80 1.21
CB4 AM2 D . -17.24 -18.09 0.94
CB5 AM2 D . -15.75 -17.83 0.69
CB6 AM2 D . -15.04 -19.10 0.33
OB1 AM2 D . -15.55 -16.86 -0.40
NB4 AM2 D . -17.38 -19.02 2.10
OB2 AM2 D . -18.29 -14.52 0.48
OB3 AM2 D . -19.41 -17.09 1.33
OB6 AM2 D . -15.26 -19.41 -1.00
CC1 AM2 D . -12.93 -8.84 3.33
CC2 AM2 D . -11.88 -7.76 3.52
CC3 AM2 D . -11.37 -7.73 4.97
CC4 AM2 D . -12.52 -7.46 5.99
CC5 AM2 D . -13.63 -8.49 5.81
CC6 AM2 D . -14.10 -8.57 4.35
NC4 AM2 D . -11.99 -7.53 7.37
NC6 AM2 D . -15.11 -9.60 4.25
OC2 AM2 D . -10.76 -7.98 2.69
OC3 AM2 D . -10.42 -6.73 5.12
CA1 AM2 E . 12.88 -5.24 -7.77
CA2 AM2 E . 12.92 -4.88 -9.29
CA3 AM2 E . 14.30 -5.08 -9.92
CA4 AM2 E . 15.39 -4.47 -9.10
CA5 AM2 E . 15.34 -4.86 -7.59
CA6 AM2 E . 16.45 -4.27 -6.78
CA7 AM2 E . 17.83 -4.66 -7.38
CA8 AM2 E . 17.90 -4.31 -8.90
CA9 AM2 E . 19.08 -4.39 -5.30
OA4 AM2 E . 14.00 -4.55 -7.02
OA5 AM2 E . 16.74 -4.89 -9.64
NA2 AM2 E . 11.90 -5.67 -9.94
NA7 AM2 E . 18.94 -3.98 -6.73
OA6 AM2 E . 16.28 -2.84 -6.82
OA8 AM2 E . 19.03 -4.86 -9.42
OA1 AM2 E . 12.93 -6.61 -7.62
CB1 AM2 E . 19.38 -4.28 -10.61
CB2 AM2 E . 20.16 -5.30 -11.45
CB3 AM2 E . 21.42 -5.71 -10.79
CB4 AM2 E . 22.26 -4.53 -10.41
CB5 AM2 E . 21.48 -3.51 -9.60
CB6 AM2 E . 22.37 -2.34 -9.29
OB1 AM2 E . 20.26 -3.09 -10.32
NB4 AM2 E . 23.41 -5.01 -9.62
OB2 AM2 E . 19.37 -6.46 -11.70
OB3 AM2 E . 22.20 -6.55 -11.71
OB6 AM2 E . 22.44 -1.46 -10.38
CC1 AM2 E . 13.06 -7.06 -6.25
CC2 AM2 E . 11.79 -6.89 -5.43
CC3 AM2 E . 11.94 -7.54 -4.05
CC4 AM2 E . 12.28 -9.05 -4.16
CC5 AM2 E . 13.54 -9.25 -5.00
CC6 AM2 E . 13.40 -8.58 -6.37
NC4 AM2 E . 12.56 -9.60 -2.83
NC6 AM2 E . 14.63 -8.74 -7.13
OC2 AM2 E . 11.45 -5.52 -5.21
OC3 AM2 E . 10.75 -7.39 -3.34
CL CL F . 22.17 -5.61 -6.46
CA1 AM2 G . -1.37 15.33 3.58
CA2 AM2 G . -2.09 16.18 2.52
CA3 AM2 G . -2.43 17.59 3.07
CA4 AM2 G . -3.15 17.53 4.38
CA5 AM2 G . -2.42 16.64 5.42
CA6 AM2 G . -3.11 16.59 6.75
CA7 AM2 G . -3.28 18.01 7.32
CA8 AM2 G . -4.05 18.90 6.32
CA9 AM2 G . -3.22 17.29 9.63
OA4 AM2 G . -2.18 15.29 4.87
OA5 AM2 G . -3.40 18.90 4.96
NA2 AM2 G . -1.22 16.25 1.37
NA7 AM2 G . -4.04 17.95 8.58
OA6 AM2 G . -4.40 16.01 6.61
OA8 AM2 G . -4.08 20.17 6.79
OA1 AM2 G . -0.12 15.86 3.79
CB1 AM2 G . -5.04 20.93 6.13
CB2 AM2 G . -4.56 22.38 6.06
CB3 AM2 G . -4.38 22.95 7.42
CB4 AM2 G . -5.63 22.90 8.23
CB5 AM2 G . -6.23 21.50 8.26
CB6 AM2 G . -7.63 21.66 8.77
OB1 AM2 G . -6.31 20.87 6.92
NB4 AM2 G . -5.34 23.35 9.62
OB2 AM2 G . -3.33 22.46 5.34
OB3 AM2 G . -3.95 24.36 7.33
OB6 AM2 G . -8.21 20.42 8.96
CC1 AM2 G . 0.64 15.27 4.88
CC2 AM2 G . 1.11 13.84 4.61
CC3 AM2 G . 2.04 13.31 5.71
CC4 AM2 G . 3.25 14.26 5.92
CC5 AM2 G . 2.81 15.70 6.16
CC6 AM2 G . 1.85 16.21 5.07
NC4 AM2 G . 4.07 13.84 7.09
NC6 AM2 G . 1.40 17.56 5.40
OC2 AM2 G . 0.01 12.92 4.53
OC3 AM2 G . 2.49 12.05 5.31
CL CL H . -3.56 20.91 11.11
#